data_6YY5
#
_entry.id   6YY5
#
_cell.length_a   85.795
_cell.length_b   157.049
_cell.length_c   77.503
_cell.angle_alpha   90.000
_cell.angle_beta   90.000
_cell.angle_gamma   90.000
#
_symmetry.space_group_name_H-M   'P 21 21 2'
#
loop_
_entity.id
_entity.type
_entity.pdbx_description
1 polymer 'Ferric enterobactin receptor'
2 non-polymer 'FE (III) ION'
3 non-polymer ~{N}-[2-[[(2~{S})-3-[[(2~{S})-3-[[1-[2-[2-[2-[4-[4-[5-(acetamidomethyl)-2-oxidanylidene-1,3-oxazolidin-3-yl]-2-fluoranyl-phenyl]piperazin-1-yl]-2-oxidanylidene-ethoxy]ethoxy]ethyl]-1,2,3-triazol-4-yl]methylamino]-2-[[2,3-bis(oxidanyl)phenyl]carbonylamino]-3-oxidanylidene-propyl]amino]-2-[[2,3-bis(oxidanyl)phenyl]carbonylamino]-3-oxidanylidene-propyl]amino]-2-oxidanylidene-ethyl]-2,3-bis(oxidanyl)benzamide
4 water water
#
_entity_poly.entity_id   1
_entity_poly.type   'polypeptide(L)'
_entity_poly.pdbx_seq_one_letter_code
;GAMAGQGDGSVIELGEQTVVATAQEETKQAPGVSIITAEDIAKRPPSNDLSQIIRTMPGVNLTGNSSSGQRGNNRQIDIR
GMGPENTLILVDGKPVSSRNSVRYGWRGERDSRGDTNWVPADQVERIEVIRGPAAARYGNGAAGGVVNIITKQAGAETHG
NLSVYSNFPQHKAEGASERMSFGLNGPLTENLSYRVYGNIAKTDSDDWDINAGHESNRTGKQAGTLPAGREGVRNKDIDG
LLSWRLTPEQTLEFEAGFSRQGNIYTGDTQNTNSNNYVKQMLGHETNRMYRETYSVTHRGEWDFGSSLAYLQYEKTRNSR
INEGLAGGTEGIFDPNNAGFYTATLRDLTAHGEVNLPLHLGYEQTLTLGSEWTEQKLDDPSSNTQNTEEGGSIPGLAGKN
RSSSSSARIFSLFAEDNIELMPGTMLTPGLRWDHHDIVGDNWSPSLNLSHALTERVTLKAGIARAYKAPNLYQLNPDYLL
YSRGQGCYGQSTSCYLRGNDGLKAETSVNKELGIEYSHDGLVAGLTYFRNDYKNKIESGLSPVDHASGGKGDYANAAIYQ
WENVPKAVVEGLEGTLTLPLADGLKWSNNLTYMLQSKNKETGDVLSVTPRYTLNSMLDWQATDDLSLQATVTWYGKQKPK
KYDYHGDRVTGSANDQLSPYAIAGLGGTYRLSKNLSLGAGVDNLFDKRLFRAGNAQGVVGIDGAGAATYNEPGRTFYTSL
TASF
;
_entity_poly.pdbx_strand_id   AAA
#
# COMPACT_ATOMS: atom_id res chain seq x y z
N THR A 27 -22.83 -4.83 -9.94
CA THR A 27 -22.68 -3.80 -8.87
C THR A 27 -21.18 -3.57 -8.64
N LYS A 28 -20.83 -2.96 -7.51
CA LYS A 28 -19.46 -2.46 -7.20
C LYS A 28 -18.85 -3.36 -6.14
N GLN A 29 -19.64 -4.24 -5.50
CA GLN A 29 -19.22 -5.09 -4.35
C GLN A 29 -19.78 -6.51 -4.53
N ALA A 30 -18.92 -7.47 -4.87
CA ALA A 30 -19.16 -8.92 -4.69
C ALA A 30 -18.33 -9.36 -3.49
N PRO A 31 -18.56 -10.59 -2.96
CA PRO A 31 -17.72 -11.14 -1.90
C PRO A 31 -16.25 -11.27 -2.33
N GLY A 32 -15.38 -10.56 -1.62
CA GLY A 32 -13.91 -10.57 -1.81
C GLY A 32 -13.43 -9.50 -2.78
N VAL A 33 -14.33 -8.84 -3.52
CA VAL A 33 -13.97 -7.95 -4.66
C VAL A 33 -14.76 -6.65 -4.58
N SER A 34 -14.12 -5.56 -4.99
CA SER A 34 -14.68 -4.19 -5.06
C SER A 34 -14.19 -3.50 -6.34
N ILE A 35 -15.08 -2.86 -7.07
CA ILE A 35 -14.77 -1.88 -8.14
C ILE A 35 -15.04 -0.48 -7.61
N ILE A 36 -14.08 0.43 -7.77
CA ILE A 36 -14.28 1.91 -7.70
C ILE A 36 -14.28 2.45 -9.13
N THR A 37 -15.30 3.18 -9.52
CA THR A 37 -15.45 3.69 -10.91
C THR A 37 -14.91 5.12 -11.02
N ALA A 38 -14.77 5.63 -12.24
CA ALA A 38 -14.40 7.02 -12.52
C ALA A 38 -15.43 7.93 -11.85
N GLU A 39 -16.71 7.56 -11.91
CA GLU A 39 -17.83 8.34 -11.34
C GLU A 39 -17.71 8.39 -9.79
N ASP A 40 -17.34 7.28 -9.14
CA ASP A 40 -17.03 7.28 -7.67
C ASP A 40 -15.90 8.27 -7.36
N ILE A 41 -14.79 8.20 -8.12
CA ILE A 41 -13.62 9.08 -7.90
C ILE A 41 -14.05 10.54 -8.03
N ALA A 42 -15.03 10.80 -8.90
CA ALA A 42 -15.50 12.15 -9.28
C ALA A 42 -16.34 12.73 -8.15
N LYS A 43 -17.04 11.88 -7.39
CA LYS A 43 -18.10 12.32 -6.46
C LYS A 43 -17.53 12.41 -5.05
N ARG A 44 -16.45 11.68 -4.79
CA ARG A 44 -15.64 11.73 -3.55
C ARG A 44 -14.18 11.95 -3.96
N PRO A 45 -13.87 13.13 -4.53
CA PRO A 45 -12.51 13.43 -5.01
C PRO A 45 -11.46 13.25 -3.93
N PRO A 46 -10.38 12.49 -4.23
CA PRO A 46 -9.19 12.47 -3.39
C PRO A 46 -8.41 13.80 -3.50
N SER A 47 -7.82 14.25 -2.40
CA SER A 47 -6.85 15.38 -2.38
C SER A 47 -5.80 15.15 -3.45
N ASN A 48 -5.13 14.00 -3.41
CA ASN A 48 -3.92 13.72 -4.25
C ASN A 48 -3.77 12.22 -4.47
N ASP A 49 -3.32 11.50 -3.45
CA ASP A 49 -3.15 10.02 -3.40
C ASP A 49 -4.50 9.30 -3.45
N LEU A 50 -4.57 8.16 -4.13
CA LEU A 50 -5.80 7.35 -4.28
C LEU A 50 -6.09 6.57 -3.01
N SER A 51 -5.11 6.41 -2.10
CA SER A 51 -5.35 5.63 -0.86
C SER A 51 -6.63 6.16 -0.22
N GLN A 52 -6.86 7.45 -0.37
CA GLN A 52 -8.00 8.15 0.27
C GLN A 52 -9.30 7.46 -0.09
N ILE A 53 -9.49 7.07 -1.37
CA ILE A 53 -10.76 6.46 -1.84
C ILE A 53 -10.64 4.92 -1.81
N ILE A 54 -9.46 4.38 -2.11
CA ILE A 54 -9.25 2.91 -2.12
C ILE A 54 -9.58 2.36 -0.72
N ARG A 55 -9.30 3.11 0.33
CA ARG A 55 -9.35 2.63 1.76
C ARG A 55 -10.80 2.48 2.24
N THR A 56 -11.76 2.98 1.47
CA THR A 56 -13.19 2.99 1.87
C THR A 56 -13.86 1.70 1.38
N MET A 57 -13.14 0.85 0.66
CA MET A 57 -13.65 -0.48 0.27
C MET A 57 -13.68 -1.37 1.50
N PRO A 58 -14.66 -2.29 1.58
CA PRO A 58 -14.65 -3.30 2.62
C PRO A 58 -13.29 -4.01 2.65
N GLY A 59 -12.83 -4.35 3.84
CA GLY A 59 -11.64 -5.19 4.06
C GLY A 59 -10.37 -4.37 3.99
N VAL A 60 -10.48 -3.08 3.69
CA VAL A 60 -9.30 -2.23 3.45
C VAL A 60 -9.14 -1.23 4.57
N ASN A 61 -7.92 -1.08 5.07
CA ASN A 61 -7.52 -0.07 6.10
C ASN A 61 -6.36 0.74 5.52
N LEU A 62 -6.05 1.86 6.16
CA LEU A 62 -4.89 2.72 5.86
C LEU A 62 -3.99 2.75 7.11
N THR A 63 -2.94 1.94 7.10
CA THR A 63 -2.17 1.51 8.28
C THR A 63 -0.67 1.52 7.93
N GLY A 64 0.21 1.52 8.94
CA GLY A 64 1.63 1.15 8.79
C GLY A 64 1.76 -0.36 8.73
N ASN A 65 2.97 -0.87 8.48
CA ASN A 65 3.17 -2.31 8.16
C ASN A 65 3.21 -3.17 9.44
N SER A 66 3.92 -2.70 10.47
CA SER A 66 3.94 -3.32 11.81
C SER A 66 3.43 -2.28 12.83
N SER A 67 3.86 -2.35 14.09
CA SER A 67 3.11 -1.78 15.24
C SER A 67 3.94 -0.73 15.99
N SER A 68 5.12 -0.33 15.49
CA SER A 68 6.02 0.62 16.15
C SER A 68 5.42 2.03 16.15
N GLY A 69 4.63 2.37 15.14
CA GLY A 69 4.08 3.72 14.93
C GLY A 69 5.06 4.61 14.19
N GLN A 70 6.27 4.09 13.93
CA GLN A 70 7.33 4.79 13.16
C GLN A 70 6.79 5.13 11.77
N ARG A 71 7.04 6.34 11.31
CA ARG A 71 6.59 6.85 10.01
C ARG A 71 5.08 6.65 9.93
N GLY A 72 4.41 6.95 11.05
CA GLY A 72 2.97 6.74 11.29
C GLY A 72 2.05 7.65 10.48
N ASN A 73 2.55 8.78 10.00
CA ASN A 73 1.76 9.68 9.12
C ASN A 73 1.95 9.23 7.66
N ASN A 74 2.68 8.14 7.44
CA ASN A 74 2.99 7.65 6.08
C ASN A 74 2.21 6.34 5.86
N ARG A 75 0.89 6.36 6.05
CA ARG A 75 0.05 5.13 6.08
C ARG A 75 -0.32 4.76 4.64
N GLN A 76 -0.45 3.47 4.39
CA GLN A 76 -0.60 2.87 3.05
C GLN A 76 -1.76 1.88 3.09
N ILE A 77 -2.19 1.38 1.95
CA ILE A 77 -3.39 0.50 1.84
C ILE A 77 -3.05 -0.87 2.41
N ASP A 78 -3.86 -1.34 3.34
CA ASP A 78 -3.77 -2.66 4.01
C ASP A 78 -5.07 -3.42 3.73
N ILE A 79 -4.97 -4.63 3.22
CA ILE A 79 -6.13 -5.52 2.97
C ILE A 79 -6.20 -6.58 4.08
N ARG A 80 -7.28 -6.57 4.85
CA ARG A 80 -7.59 -7.63 5.85
C ARG A 80 -6.43 -7.75 6.83
N GLY A 81 -5.84 -6.61 7.21
CA GLY A 81 -4.88 -6.52 8.33
C GLY A 81 -3.62 -7.32 8.07
N MET A 82 -3.32 -7.56 6.79
CA MET A 82 -2.15 -8.35 6.33
C MET A 82 -0.95 -7.41 6.15
N GLY A 83 -1.13 -6.12 6.39
CA GLY A 83 -0.09 -5.11 6.18
C GLY A 83 0.05 -4.73 4.70
N PRO A 84 0.59 -3.53 4.42
CA PRO A 84 0.67 -2.98 3.06
C PRO A 84 1.78 -3.56 2.17
N GLU A 85 2.76 -4.22 2.79
CA GLU A 85 3.80 -5.00 2.06
C GLU A 85 3.16 -6.23 1.40
N ASN A 86 1.95 -6.59 1.83
CA ASN A 86 1.21 -7.75 1.27
C ASN A 86 0.04 -7.24 0.42
N THR A 87 0.10 -5.99 0.02
CA THR A 87 -0.85 -5.35 -0.91
C THR A 87 -0.12 -4.99 -2.21
N LEU A 88 -0.39 -5.76 -3.26
CA LEU A 88 0.24 -5.60 -4.60
C LEU A 88 -0.52 -4.56 -5.42
N ILE A 89 0.16 -3.47 -5.77
CA ILE A 89 -0.36 -2.34 -6.60
C ILE A 89 -0.02 -2.57 -8.07
N LEU A 90 -1.02 -2.69 -8.94
CA LEU A 90 -0.84 -2.76 -10.40
C LEU A 90 -1.37 -1.48 -11.04
N VAL A 91 -0.78 -1.08 -12.17
CA VAL A 91 -1.37 -0.09 -13.10
C VAL A 91 -1.59 -0.76 -14.45
N ASP A 92 -2.85 -1.02 -14.79
CA ASP A 92 -3.27 -1.68 -16.05
C ASP A 92 -2.58 -3.05 -16.08
N GLY A 93 -2.52 -3.71 -14.92
CA GLY A 93 -2.13 -5.13 -14.79
C GLY A 93 -0.64 -5.32 -14.54
N LYS A 94 0.11 -4.20 -14.49
CA LYS A 94 1.61 -4.17 -14.46
C LYS A 94 2.09 -3.67 -13.09
N PRO A 95 2.92 -4.47 -12.37
CA PRO A 95 3.29 -4.15 -10.99
C PRO A 95 4.00 -2.79 -10.85
N VAL A 96 3.72 -2.12 -9.73
CA VAL A 96 4.50 -0.99 -9.16
C VAL A 96 5.37 -1.55 -8.02
N SER A 97 6.69 -1.37 -8.06
CA SER A 97 7.61 -1.91 -7.03
C SER A 97 8.46 -0.79 -6.44
N SER A 98 8.15 0.48 -6.70
CA SER A 98 9.03 1.64 -6.42
C SER A 98 9.35 1.74 -4.92
N ARG A 99 8.42 1.37 -4.04
CA ARG A 99 8.63 1.54 -2.59
C ARG A 99 9.71 0.58 -2.11
N ASN A 100 9.97 -0.50 -2.87
CA ASN A 100 11.05 -1.49 -2.59
C ASN A 100 12.42 -0.83 -2.74
N SER A 101 12.48 0.43 -3.17
CA SER A 101 13.74 1.25 -3.24
C SER A 101 14.00 2.02 -1.93
N VAL A 102 13.08 2.00 -0.98
CA VAL A 102 13.24 2.73 0.33
C VAL A 102 13.68 1.76 1.41
N ARG A 103 14.70 2.11 2.20
CA ARG A 103 15.25 1.23 3.25
C ARG A 103 14.10 0.66 4.07
N TYR A 104 14.06 -0.67 4.22
CA TYR A 104 13.18 -1.42 5.16
C TYR A 104 13.85 -1.49 6.53
N GLY A 105 13.23 -0.87 7.54
CA GLY A 105 13.77 -0.67 8.89
C GLY A 105 13.47 -1.84 9.83
N TRP A 106 14.11 -1.82 10.99
CA TRP A 106 14.09 -2.85 12.05
C TRP A 106 12.64 -3.27 12.35
N ARG A 107 11.71 -2.33 12.35
CA ARG A 107 10.31 -2.56 12.78
C ARG A 107 9.40 -2.66 11.55
N GLY A 108 9.94 -2.89 10.36
CA GLY A 108 9.15 -3.28 9.18
C GLY A 108 8.41 -2.11 8.55
N GLU A 109 8.98 -0.91 8.65
CA GLU A 109 8.47 0.29 7.97
C GLU A 109 9.59 0.88 7.14
N ARG A 110 9.17 1.54 6.07
CA ARG A 110 9.98 2.36 5.14
C ARG A 110 9.52 3.80 5.30
N ASP A 111 10.43 4.77 5.22
CA ASP A 111 10.06 6.20 5.07
C ASP A 111 9.60 6.40 3.63
N SER A 112 8.45 5.81 3.30
CA SER A 112 7.82 5.81 1.97
C SER A 112 6.38 6.29 2.11
N ARG A 113 5.85 6.99 1.11
CA ARG A 113 4.40 7.37 1.09
C ARG A 113 3.59 6.28 0.37
N GLY A 114 4.24 5.18 -0.03
CA GLY A 114 3.58 4.02 -0.67
C GLY A 114 3.61 4.18 -2.16
N ASP A 115 2.74 3.44 -2.87
CA ASP A 115 2.77 3.31 -4.35
C ASP A 115 1.36 3.49 -4.93
N THR A 116 0.49 4.29 -4.30
CA THR A 116 -0.86 4.59 -4.84
C THR A 116 -0.98 6.03 -5.35
N ASN A 117 0.14 6.74 -5.56
CA ASN A 117 0.14 8.19 -5.93
C ASN A 117 0.86 8.39 -7.26
N TRP A 118 1.02 7.35 -8.08
CA TRP A 118 1.81 7.41 -9.34
C TRP A 118 0.88 7.83 -10.50
N VAL A 119 -0.37 7.36 -10.47
CA VAL A 119 -1.45 7.73 -11.44
C VAL A 119 -2.32 8.81 -10.82
N PRO A 120 -2.58 9.92 -11.54
CA PRO A 120 -3.49 10.94 -11.07
C PRO A 120 -4.95 10.49 -11.11
N ALA A 121 -5.69 10.77 -10.04
CA ALA A 121 -7.09 10.37 -9.82
C ALA A 121 -7.94 10.52 -11.10
N ASP A 122 -7.84 11.68 -11.78
CA ASP A 122 -8.82 12.09 -12.81
C ASP A 122 -8.52 11.38 -14.15
N GLN A 123 -7.41 10.67 -14.27
CA GLN A 123 -7.11 9.88 -15.49
C GLN A 123 -7.38 8.40 -15.23
N VAL A 124 -7.94 8.05 -14.09
CA VAL A 124 -8.28 6.64 -13.75
C VAL A 124 -9.67 6.35 -14.32
N GLU A 125 -9.77 5.25 -15.08
CA GLU A 125 -11.07 4.69 -15.54
C GLU A 125 -11.71 3.97 -14.37
N ARG A 126 -11.02 3.01 -13.75
CA ARG A 126 -11.54 2.30 -12.56
C ARG A 126 -10.39 1.72 -11.70
N ILE A 127 -10.71 1.38 -10.46
CA ILE A 127 -9.78 0.64 -9.56
C ILE A 127 -10.44 -0.67 -9.15
N GLU A 128 -9.71 -1.77 -9.30
CA GLU A 128 -10.16 -3.12 -8.90
C GLU A 128 -9.43 -3.51 -7.61
N VAL A 129 -10.16 -3.87 -6.57
CA VAL A 129 -9.56 -4.38 -5.30
C VAL A 129 -9.98 -5.83 -5.11
N ILE A 130 -8.99 -6.73 -5.10
CA ILE A 130 -9.20 -8.20 -5.00
C ILE A 130 -8.56 -8.69 -3.72
N ARG A 131 -9.35 -9.23 -2.80
CA ARG A 131 -8.90 -9.53 -1.41
C ARG A 131 -8.93 -11.04 -1.19
N GLY A 132 -7.84 -11.59 -0.66
CA GLY A 132 -7.76 -12.95 -0.10
C GLY A 132 -7.59 -13.99 -1.20
N PRO A 133 -8.32 -15.12 -1.08
CA PRO A 133 -8.07 -16.31 -1.89
C PRO A 133 -8.15 -16.04 -3.40
N ALA A 134 -8.99 -15.07 -3.80
CA ALA A 134 -9.19 -14.68 -5.21
C ALA A 134 -7.97 -13.90 -5.74
N ALA A 135 -7.06 -13.45 -4.85
CA ALA A 135 -5.89 -12.62 -5.24
C ALA A 135 -4.58 -13.45 -5.27
N ALA A 136 -4.53 -14.61 -4.62
CA ALA A 136 -3.29 -15.42 -4.55
C ALA A 136 -2.74 -15.67 -5.97
N ARG A 137 -3.62 -15.98 -6.90
CA ARG A 137 -3.27 -16.35 -8.30
C ARG A 137 -2.31 -15.30 -8.87
N TYR A 138 -2.24 -14.11 -8.27
CA TYR A 138 -1.35 -13.02 -8.78
C TYR A 138 0.05 -13.18 -8.19
N GLY A 139 0.19 -14.01 -7.15
CA GLY A 139 1.49 -14.51 -6.69
C GLY A 139 2.12 -13.53 -5.73
N ASN A 140 3.35 -13.11 -6.01
CA ASN A 140 4.29 -12.58 -4.99
C ASN A 140 3.80 -11.22 -4.51
N GLY A 141 3.35 -11.18 -3.24
CA GLY A 141 3.00 -9.98 -2.48
C GLY A 141 1.53 -9.65 -2.56
N ALA A 142 0.70 -10.64 -2.94
CA ALA A 142 -0.78 -10.53 -3.04
C ALA A 142 -1.46 -11.25 -1.87
N ALA A 143 -0.72 -11.50 -0.78
CA ALA A 143 -1.17 -12.27 0.40
C ALA A 143 -2.32 -11.56 1.13
N GLY A 144 -2.26 -10.22 1.20
CA GLY A 144 -3.42 -9.37 1.58
C GLY A 144 -4.41 -9.25 0.43
N GLY A 145 -3.97 -8.63 -0.67
CA GLY A 145 -4.70 -8.65 -1.95
C GLY A 145 -4.05 -7.76 -3.00
N VAL A 146 -4.79 -7.49 -4.08
CA VAL A 146 -4.34 -6.73 -5.26
C VAL A 146 -5.22 -5.47 -5.35
N VAL A 147 -4.59 -4.34 -5.64
CA VAL A 147 -5.23 -3.09 -6.09
C VAL A 147 -4.73 -2.84 -7.52
N ASN A 148 -5.60 -2.92 -8.52
CA ASN A 148 -5.27 -2.67 -9.95
C ASN A 148 -5.88 -1.34 -10.38
N ILE A 149 -5.06 -0.32 -10.54
CA ILE A 149 -5.47 1.06 -10.95
C ILE A 149 -5.53 1.11 -12.47
N ILE A 150 -6.72 1.23 -13.05
CA ILE A 150 -6.89 1.08 -14.53
C ILE A 150 -7.13 2.46 -15.14
N THR A 151 -6.37 2.79 -16.19
CA THR A 151 -6.33 4.13 -16.79
C THR A 151 -7.38 4.20 -17.91
N LYS A 152 -7.83 5.41 -18.23
CA LYS A 152 -8.68 5.70 -19.39
C LYS A 152 -7.83 5.51 -20.65
N GLN A 153 -8.43 4.88 -21.68
CA GLN A 153 -7.84 4.59 -23.01
C GLN A 153 -8.56 5.41 -24.09
N ALA A 154 -7.96 5.46 -25.29
CA ALA A 154 -8.60 6.00 -26.52
C ALA A 154 -9.87 5.19 -26.84
N GLY A 155 -10.80 5.80 -27.59
CA GLY A 155 -11.99 5.13 -28.13
C GLY A 155 -11.87 4.92 -29.63
N ALA A 156 -13.02 4.91 -30.32
CA ALA A 156 -13.16 4.91 -31.81
C ALA A 156 -12.87 6.29 -32.39
N GLU A 157 -13.18 7.36 -31.63
CA GLU A 157 -12.86 8.79 -31.94
C GLU A 157 -11.78 9.29 -30.98
N THR A 158 -11.29 10.52 -31.22
CA THR A 158 -10.47 11.30 -30.25
C THR A 158 -11.37 11.90 -29.17
N HIS A 159 -11.01 11.70 -27.91
CA HIS A 159 -11.48 12.47 -26.73
C HIS A 159 -10.27 13.10 -26.02
N GLY A 160 -10.55 14.05 -25.10
CA GLY A 160 -9.58 14.55 -24.09
C GLY A 160 -10.27 15.29 -22.96
N ASN A 161 -9.58 15.45 -21.84
CA ASN A 161 -10.13 16.03 -20.57
C ASN A 161 -9.10 16.97 -19.92
N LEU A 162 -9.57 17.93 -19.13
CA LEU A 162 -8.77 18.85 -18.29
C LEU A 162 -9.39 18.94 -16.90
N SER A 163 -8.74 18.35 -15.89
CA SER A 163 -9.28 18.23 -14.51
C SER A 163 -8.42 19.02 -13.54
N VAL A 164 -9.06 19.82 -12.69
CA VAL A 164 -8.42 20.72 -11.68
C VAL A 164 -9.13 20.50 -10.35
N TYR A 165 -8.40 20.39 -9.26
CA TYR A 165 -8.97 20.23 -7.90
C TYR A 165 -8.11 21.01 -6.94
N SER A 166 -8.72 21.58 -5.92
CA SER A 166 -8.11 22.57 -5.01
C SER A 166 -8.88 22.50 -3.69
N ASN A 167 -8.22 22.18 -2.58
CA ASN A 167 -8.88 22.15 -1.25
C ASN A 167 -8.31 23.27 -0.37
N PHE A 168 -8.98 23.49 0.76
CA PHE A 168 -8.86 24.69 1.62
C PHE A 168 -9.13 24.29 3.06
N PRO A 169 -8.11 23.91 3.84
CA PRO A 169 -8.30 23.53 5.24
C PRO A 169 -8.79 24.72 6.10
N GLN A 170 -9.65 24.45 7.08
CA GLN A 170 -10.10 25.43 8.10
C GLN A 170 -8.86 25.93 8.86
N HIS A 171 -8.07 24.99 9.39
CA HIS A 171 -6.83 25.21 10.16
C HIS A 171 -5.64 25.25 9.21
N LYS A 172 -4.83 26.30 9.27
CA LYS A 172 -3.75 26.64 8.28
C LYS A 172 -2.59 25.64 8.44
N ALA A 173 -2.37 25.16 9.66
CA ALA A 173 -1.32 24.16 9.98
C ALA A 173 -1.38 23.02 8.95
N GLU A 174 -2.59 22.52 8.68
CA GLU A 174 -2.84 21.36 7.79
C GLU A 174 -2.62 21.77 6.33
N GLY A 175 -1.93 20.92 5.56
CA GLY A 175 -1.52 21.19 4.18
C GLY A 175 -2.67 21.04 3.20
N ALA A 176 -2.91 22.10 2.42
CA ALA A 176 -3.86 22.14 1.29
C ALA A 176 -3.22 21.45 0.09
N SER A 177 -4.06 21.03 -0.86
CA SER A 177 -3.70 20.21 -2.05
C SER A 177 -4.25 20.88 -3.31
N GLU A 178 -3.43 20.93 -4.37
CA GLU A 178 -3.80 21.46 -5.71
C GLU A 178 -3.35 20.46 -6.78
N ARG A 179 -4.16 20.25 -7.80
CA ARG A 179 -4.04 19.10 -8.72
C ARG A 179 -4.58 19.52 -10.11
N MET A 180 -3.77 19.38 -11.15
CA MET A 180 -4.15 19.69 -12.55
C MET A 180 -3.65 18.56 -13.44
N SER A 181 -4.55 17.83 -14.10
CA SER A 181 -4.20 16.73 -15.04
C SER A 181 -4.94 16.94 -16.36
N PHE A 182 -4.36 16.43 -17.43
CA PHE A 182 -5.06 16.36 -18.75
C PHE A 182 -4.94 14.95 -19.31
N GLY A 183 -5.88 14.58 -20.18
CA GLY A 183 -5.83 13.37 -21.01
C GLY A 183 -6.14 13.73 -22.45
N LEU A 184 -5.62 12.94 -23.37
CA LEU A 184 -5.83 13.14 -24.82
C LEU A 184 -5.59 11.81 -25.50
N ASN A 185 -6.59 11.32 -26.22
CA ASN A 185 -6.66 9.92 -26.72
C ASN A 185 -7.37 9.94 -28.08
N GLY A 186 -7.11 8.94 -28.93
CA GLY A 186 -7.84 8.72 -30.19
C GLY A 186 -7.04 7.91 -31.22
N PRO A 187 -7.54 7.82 -32.46
CA PRO A 187 -6.83 7.14 -33.54
C PRO A 187 -5.61 7.97 -33.96
N LEU A 188 -4.74 7.38 -34.79
CA LEU A 188 -3.79 8.08 -35.69
C LEU A 188 -4.00 7.57 -37.11
N THR A 189 -4.07 6.25 -37.30
CA THR A 189 -4.38 5.58 -38.60
C THR A 189 -5.68 4.79 -38.41
N GLU A 190 -5.89 3.73 -39.22
CA GLU A 190 -7.01 2.75 -39.07
C GLU A 190 -6.66 1.72 -37.97
N ASN A 191 -5.36 1.44 -37.79
CA ASN A 191 -4.86 0.38 -36.86
C ASN A 191 -3.89 0.99 -35.82
N LEU A 192 -3.83 2.34 -35.73
CA LEU A 192 -2.97 3.04 -34.74
C LEU A 192 -3.84 3.90 -33.81
N SER A 193 -3.97 3.49 -32.55
CA SER A 193 -4.53 4.31 -31.44
C SER A 193 -3.38 4.74 -30.52
N TYR A 194 -3.58 5.84 -29.78
CA TYR A 194 -2.66 6.40 -28.77
C TYR A 194 -3.46 6.93 -27.57
N ARG A 195 -2.84 7.02 -26.40
CA ARG A 195 -3.40 7.82 -25.28
C ARG A 195 -2.26 8.47 -24.49
N VAL A 196 -2.37 9.76 -24.20
CA VAL A 196 -1.41 10.53 -23.35
C VAL A 196 -2.18 11.21 -22.22
N TYR A 197 -1.57 11.28 -21.04
CA TYR A 197 -1.98 12.17 -19.92
C TYR A 197 -0.75 12.76 -19.25
N GLY A 198 -0.97 13.89 -18.56
CA GLY A 198 0.01 14.57 -17.70
C GLY A 198 -0.67 15.08 -16.46
N ASN A 199 0.05 15.03 -15.34
CA ASN A 199 -0.43 15.59 -14.06
C ASN A 199 0.65 16.50 -13.48
N ILE A 200 0.24 17.64 -12.94
CA ILE A 200 1.00 18.44 -11.93
C ILE A 200 0.14 18.59 -10.68
N ALA A 201 0.68 18.22 -9.51
CA ALA A 201 -0.02 18.27 -8.21
C ALA A 201 0.96 18.68 -7.10
N LYS A 202 0.44 19.20 -6.00
CA LYS A 202 1.19 19.52 -4.76
C LYS A 202 0.24 19.36 -3.57
N THR A 203 0.68 18.57 -2.57
CA THR A 203 0.10 18.55 -1.21
C THR A 203 1.11 19.20 -0.28
N ASP A 204 0.82 20.42 0.19
CA ASP A 204 1.64 21.16 1.18
C ASP A 204 1.78 20.26 2.42
N SER A 205 2.94 20.28 3.07
CA SER A 205 3.18 19.54 4.33
C SER A 205 2.34 20.17 5.42
N ASP A 206 2.06 19.44 6.49
CA ASP A 206 1.55 20.06 7.74
C ASP A 206 2.67 20.96 8.29
N ASP A 207 2.31 22.05 8.95
CA ASP A 207 3.27 22.94 9.63
C ASP A 207 4.10 22.08 10.58
N TRP A 208 5.37 22.43 10.75
CA TRP A 208 6.35 21.73 11.63
C TRP A 208 5.79 21.63 13.07
N ASP A 209 4.79 22.45 13.42
CA ASP A 209 4.39 22.66 14.84
C ASP A 209 2.94 22.21 15.06
N ILE A 210 2.32 21.53 14.09
CA ILE A 210 0.87 21.17 14.13
C ILE A 210 0.59 20.31 15.37
N ASN A 211 1.56 19.49 15.77
CA ASN A 211 1.38 18.51 16.88
C ASN A 211 1.87 19.10 18.21
N ALA A 212 2.24 20.39 18.24
CA ALA A 212 2.71 21.09 19.46
C ALA A 212 1.58 21.18 20.48
N GLY A 213 1.82 20.75 21.72
CA GLY A 213 0.81 20.70 22.80
C GLY A 213 0.04 19.39 22.81
N HIS A 214 0.26 18.53 21.80
CA HIS A 214 -0.35 17.18 21.70
C HIS A 214 0.72 16.09 21.87
N GLU A 215 2.00 16.45 21.66
CA GLU A 215 3.15 15.52 21.75
C GLU A 215 3.11 14.76 23.08
N SER A 216 3.64 13.53 23.08
CA SER A 216 4.10 12.76 24.27
C SER A 216 5.01 13.63 25.13
N ASN A 217 5.13 13.27 26.42
CA ASN A 217 6.03 13.97 27.38
C ASN A 217 7.48 13.70 26.94
N ARG A 218 8.23 14.79 26.77
CA ARG A 218 9.64 14.78 26.28
C ARG A 218 10.50 15.58 27.26
N THR A 219 11.49 14.93 27.85
CA THR A 219 12.34 15.46 28.94
C THR A 219 13.82 15.20 28.65
N GLY A 220 14.69 15.91 29.38
CA GLY A 220 16.15 15.90 29.20
C GLY A 220 16.56 16.37 27.82
N LYS A 221 17.49 15.64 27.20
CA LYS A 221 18.03 15.96 25.85
C LYS A 221 16.87 16.20 24.86
N GLN A 222 15.81 15.40 24.96
CA GLN A 222 14.76 15.30 23.90
C GLN A 222 13.65 16.33 24.17
N ALA A 223 13.77 17.11 25.25
CA ALA A 223 12.80 18.20 25.51
C ALA A 223 12.79 19.12 24.28
N GLY A 224 11.59 19.51 23.85
CA GLY A 224 11.38 20.42 22.70
C GLY A 224 11.10 19.66 21.42
N THR A 225 11.40 18.35 21.36
CA THR A 225 11.17 17.51 20.15
C THR A 225 9.67 17.49 19.80
N LEU A 226 9.33 17.24 18.53
CA LEU A 226 7.93 17.10 18.07
C LEU A 226 7.81 15.91 17.14
N PRO A 227 6.73 15.11 17.28
CA PRO A 227 6.29 14.19 16.25
C PRO A 227 5.60 15.00 15.14
N ALA A 228 5.93 14.68 13.90
CA ALA A 228 5.64 15.49 12.71
C ALA A 228 4.23 15.21 12.21
N GLY A 229 3.65 16.16 11.50
CA GLY A 229 2.44 15.93 10.70
C GLY A 229 2.76 15.27 9.37
N ARG A 230 1.84 15.39 8.44
CA ARG A 230 1.93 14.74 7.10
C ARG A 230 3.00 15.46 6.26
N GLU A 231 3.92 14.67 5.73
CA GLU A 231 4.89 15.07 4.68
C GLU A 231 4.08 15.62 3.49
N GLY A 232 4.56 16.67 2.83
CA GLY A 232 3.99 17.15 1.57
C GLY A 232 4.59 16.38 0.41
N VAL A 233 4.02 16.51 -0.78
CA VAL A 233 4.60 15.93 -2.03
C VAL A 233 4.30 16.86 -3.19
N ARG A 234 5.27 17.02 -4.10
CA ARG A 234 5.07 17.57 -5.47
C ARG A 234 5.11 16.41 -6.45
N ASN A 235 4.09 16.27 -7.31
CA ASN A 235 4.02 15.22 -8.38
C ASN A 235 4.21 15.84 -9.77
N LYS A 236 4.89 15.11 -10.65
CA LYS A 236 4.92 15.33 -12.12
C LYS A 236 4.81 13.99 -12.85
N ASP A 237 3.67 13.76 -13.49
CA ASP A 237 3.39 12.46 -14.17
C ASP A 237 3.14 12.76 -15.64
N ILE A 238 3.79 12.00 -16.53
CA ILE A 238 3.61 12.05 -18.00
C ILE A 238 3.59 10.60 -18.49
N ASP A 239 2.51 10.20 -19.16
CA ASP A 239 2.40 8.87 -19.78
C ASP A 239 2.04 9.06 -21.25
N GLY A 240 2.69 8.32 -22.13
CA GLY A 240 2.29 8.16 -23.53
C GLY A 240 2.12 6.69 -23.87
N LEU A 241 1.07 6.37 -24.61
CA LEU A 241 0.76 4.99 -25.11
C LEU A 241 0.42 5.08 -26.60
N LEU A 242 1.02 4.16 -27.40
CA LEU A 242 0.62 3.84 -28.79
C LEU A 242 0.07 2.40 -28.83
N SER A 243 -1.18 2.23 -29.27
CA SER A 243 -1.81 0.93 -29.61
C SER A 243 -1.70 0.70 -31.13
N TRP A 244 -1.26 -0.49 -31.54
CA TRP A 244 -1.06 -0.90 -32.95
C TRP A 244 -1.70 -2.28 -33.14
N ARG A 245 -2.86 -2.32 -33.80
CA ARG A 245 -3.64 -3.56 -34.02
C ARG A 245 -3.41 -4.00 -35.46
N LEU A 246 -2.27 -4.65 -35.69
CA LEU A 246 -1.63 -4.78 -37.01
C LEU A 246 -2.33 -5.88 -37.80
N THR A 247 -3.32 -6.55 -37.19
CA THR A 247 -4.26 -7.50 -37.85
C THR A 247 -5.55 -7.57 -37.03
N PRO A 248 -6.67 -8.01 -37.63
CA PRO A 248 -7.91 -8.27 -36.89
C PRO A 248 -7.73 -8.83 -35.48
N GLU A 249 -6.74 -9.72 -35.27
CA GLU A 249 -6.64 -10.59 -34.06
C GLU A 249 -5.27 -10.41 -33.40
N GLN A 250 -4.76 -9.17 -33.37
CA GLN A 250 -3.37 -8.89 -32.94
C GLN A 250 -3.22 -7.40 -32.64
N THR A 251 -3.15 -7.05 -31.36
CA THR A 251 -2.91 -5.66 -30.87
C THR A 251 -1.55 -5.64 -30.16
N LEU A 252 -0.74 -4.62 -30.49
CA LEU A 252 0.62 -4.38 -29.93
C LEU A 252 0.69 -2.97 -29.33
N GLU A 253 0.91 -2.89 -28.00
CA GLU A 253 0.91 -1.63 -27.22
C GLU A 253 2.33 -1.30 -26.77
N PHE A 254 2.77 -0.05 -26.96
CA PHE A 254 4.00 0.54 -26.35
C PHE A 254 3.61 1.73 -25.45
N GLU A 255 4.01 1.72 -24.19
CA GLU A 255 3.84 2.90 -23.32
C GLU A 255 5.09 3.17 -22.48
N ALA A 256 5.36 4.45 -22.27
CA ALA A 256 6.40 4.98 -21.37
C ALA A 256 5.72 5.83 -20.28
N GLY A 257 6.21 5.69 -19.04
CA GLY A 257 5.82 6.55 -17.91
C GLY A 257 7.03 7.27 -17.33
N PHE A 258 6.91 8.59 -17.15
CA PHE A 258 7.87 9.43 -16.38
C PHE A 258 7.11 10.10 -15.23
N SER A 259 7.45 9.77 -13.99
CA SER A 259 6.88 10.41 -12.77
C SER A 259 8.01 10.90 -11.87
N ARG A 260 7.74 11.90 -11.04
CA ARG A 260 8.69 12.54 -10.08
C ARG A 260 7.90 13.01 -8.84
N GLN A 261 8.17 12.45 -7.67
CA GLN A 261 7.66 12.96 -6.38
C GLN A 261 8.86 13.50 -5.60
N GLY A 262 8.79 14.77 -5.24
CA GLY A 262 9.68 15.42 -4.27
C GLY A 262 8.89 15.78 -3.04
N ASN A 263 9.41 15.55 -1.86
CA ASN A 263 8.63 15.80 -0.64
C ASN A 263 8.75 17.29 -0.25
N ILE A 264 7.99 17.66 0.77
CA ILE A 264 8.21 18.86 1.63
C ILE A 264 8.38 18.39 3.07
N TYR A 265 9.62 18.42 3.58
CA TYR A 265 9.97 17.84 4.90
C TYR A 265 9.22 18.64 5.97
N THR A 266 8.68 17.99 7.01
CA THR A 266 8.06 18.71 8.16
C THR A 266 8.47 18.06 9.48
N GLY A 267 9.71 17.56 9.57
CA GLY A 267 10.40 17.22 10.84
C GLY A 267 10.33 15.74 11.17
N ASP A 268 9.69 14.93 10.33
CA ASP A 268 9.54 13.47 10.60
C ASP A 268 10.93 12.83 10.75
N THR A 269 11.13 12.03 11.81
CA THR A 269 12.29 11.13 12.03
C THR A 269 11.77 9.81 12.62
N GLN A 270 12.45 8.70 12.37
CA GLN A 270 11.98 7.37 12.85
C GLN A 270 11.48 7.47 14.29
N ASN A 271 12.28 8.00 15.21
CA ASN A 271 12.00 7.91 16.67
C ASN A 271 11.41 9.21 17.20
N THR A 272 11.27 10.24 16.36
CA THR A 272 10.74 11.58 16.73
C THR A 272 11.78 12.38 17.53
N ASN A 273 13.03 11.93 17.54
CA ASN A 273 14.20 12.76 17.97
C ASN A 273 14.41 13.88 16.95
N SER A 274 15.23 14.87 17.28
CA SER A 274 15.69 15.91 16.35
C SER A 274 17.19 16.14 16.53
N ASN A 275 17.81 16.72 15.50
CA ASN A 275 19.15 17.37 15.54
C ASN A 275 19.05 18.63 14.67
N ASN A 276 20.16 19.28 14.36
CA ASN A 276 20.19 20.61 13.69
C ASN A 276 19.87 20.45 12.20
N TYR A 277 20.33 19.36 11.58
CA TYR A 277 20.16 19.07 10.12
C TYR A 277 18.67 18.95 9.82
N VAL A 278 17.93 18.20 10.66
CA VAL A 278 16.45 18.09 10.62
C VAL A 278 15.87 19.50 10.46
N LYS A 279 16.18 20.42 11.39
CA LYS A 279 15.53 21.75 11.45
C LYS A 279 15.92 22.55 10.20
N GLN A 280 17.19 22.50 9.80
CA GLN A 280 17.68 23.15 8.55
C GLN A 280 16.77 22.78 7.36
N MET A 281 16.15 21.59 7.37
CA MET A 281 15.52 21.01 6.16
C MET A 281 14.02 21.21 6.22
N LEU A 282 13.49 21.76 7.31
CA LEU A 282 12.02 22.01 7.44
C LEU A 282 11.56 22.86 6.25
N GLY A 283 10.69 22.31 5.42
CA GLY A 283 10.06 23.00 4.27
C GLY A 283 10.82 22.76 2.97
N HIS A 284 11.85 21.92 3.03
CA HIS A 284 12.77 21.60 1.91
C HIS A 284 12.53 20.17 1.43
N GLU A 285 12.87 19.91 0.17
CA GLU A 285 12.84 18.57 -0.47
C GLU A 285 14.06 17.77 0.02
N THR A 286 13.82 16.67 0.75
CA THR A 286 14.82 15.80 1.42
C THR A 286 14.75 14.38 0.85
N ASN A 287 13.68 14.04 0.13
CA ASN A 287 13.62 12.86 -0.77
C ASN A 287 12.94 13.22 -2.09
N ARG A 288 13.48 12.71 -3.19
CA ARG A 288 12.85 12.71 -4.54
C ARG A 288 12.89 11.28 -5.10
N MET A 289 11.72 10.78 -5.51
CA MET A 289 11.55 9.53 -6.29
C MET A 289 11.29 9.92 -7.75
N TYR A 290 12.18 9.52 -8.66
CA TYR A 290 11.90 9.45 -10.11
C TYR A 290 11.48 8.01 -10.42
N ARG A 291 10.31 7.84 -11.04
CA ARG A 291 9.82 6.53 -11.53
C ARG A 291 9.69 6.61 -13.05
N GLU A 292 10.44 5.74 -13.74
CA GLU A 292 10.38 5.54 -15.22
C GLU A 292 9.86 4.14 -15.53
N THR A 293 8.79 4.04 -16.31
CA THR A 293 8.22 2.76 -16.81
C THR A 293 8.18 2.76 -18.33
N TYR A 294 8.74 1.73 -18.97
CA TYR A 294 8.55 1.39 -20.40
C TYR A 294 7.88 0.02 -20.45
N SER A 295 6.86 -0.14 -21.29
CA SER A 295 6.08 -1.40 -21.35
C SER A 295 5.74 -1.73 -22.81
N VAL A 296 5.98 -2.99 -23.19
CA VAL A 296 5.51 -3.59 -24.46
C VAL A 296 4.46 -4.63 -24.12
N THR A 297 3.27 -4.53 -24.71
CA THR A 297 2.12 -5.41 -24.48
C THR A 297 1.55 -5.81 -25.85
N HIS A 298 1.48 -7.13 -26.09
CA HIS A 298 0.81 -7.77 -27.26
C HIS A 298 -0.47 -8.44 -26.75
N ARG A 299 -1.60 -8.14 -27.38
CA ARG A 299 -2.93 -8.71 -27.05
C ARG A 299 -3.46 -9.49 -28.25
N GLY A 300 -3.83 -10.76 -28.03
CA GLY A 300 -4.42 -11.63 -29.07
C GLY A 300 -5.85 -12.03 -28.75
N GLU A 301 -6.72 -12.06 -29.78
CA GLU A 301 -8.03 -12.74 -29.74
C GLU A 301 -8.29 -13.43 -31.08
N TRP A 302 -8.47 -14.77 -31.05
CA TRP A 302 -8.88 -15.64 -32.19
C TRP A 302 -9.85 -16.72 -31.68
N ASP A 303 -10.25 -17.64 -32.55
CA ASP A 303 -11.33 -18.63 -32.27
C ASP A 303 -10.99 -19.44 -31.01
N PHE A 304 -9.82 -20.09 -30.96
CA PHE A 304 -9.41 -21.01 -29.87
C PHE A 304 -9.51 -20.30 -28.52
N GLY A 305 -9.23 -18.99 -28.48
CA GLY A 305 -9.46 -18.13 -27.31
C GLY A 305 -8.66 -16.83 -27.35
N SER A 306 -8.07 -16.44 -26.22
CA SER A 306 -7.45 -15.11 -26.00
C SER A 306 -5.98 -15.30 -25.59
N SER A 307 -5.14 -14.28 -25.83
CA SER A 307 -3.70 -14.24 -25.44
C SER A 307 -3.28 -12.83 -25.01
N LEU A 308 -2.40 -12.78 -24.00
CA LEU A 308 -1.76 -11.53 -23.49
C LEU A 308 -0.34 -11.85 -23.02
N ALA A 309 0.63 -10.98 -23.36
CA ALA A 309 2.03 -11.01 -22.86
C ALA A 309 2.58 -9.58 -22.77
N TYR A 310 3.38 -9.26 -21.75
CA TYR A 310 3.94 -7.91 -21.59
C TYR A 310 5.36 -7.98 -21.05
N LEU A 311 6.12 -6.96 -21.40
CA LEU A 311 7.45 -6.59 -20.82
C LEU A 311 7.31 -5.21 -20.17
N GLN A 312 7.50 -5.14 -18.85
CA GLN A 312 7.65 -3.83 -18.15
C GLN A 312 9.08 -3.74 -17.59
N TYR A 313 9.74 -2.60 -17.85
CA TYR A 313 10.98 -2.12 -17.19
C TYR A 313 10.62 -0.91 -16.34
N GLU A 314 10.61 -1.09 -15.03
CA GLU A 314 10.44 -0.04 -14.00
C GLU A 314 11.82 0.32 -13.45
N LYS A 315 12.26 1.57 -13.59
CA LYS A 315 13.53 2.06 -13.00
C LYS A 315 13.21 3.18 -12.01
N THR A 316 13.45 2.94 -10.73
CA THR A 316 13.16 3.92 -9.66
C THR A 316 14.48 4.44 -9.10
N ARG A 317 14.65 5.77 -9.07
CA ARG A 317 15.77 6.48 -8.38
C ARG A 317 15.21 7.14 -7.10
N ASN A 318 15.62 6.63 -5.93
CA ASN A 318 15.21 7.15 -4.61
C ASN A 318 16.36 7.99 -4.07
N SER A 319 16.36 9.30 -4.33
CA SER A 319 17.41 10.22 -3.83
C SER A 319 16.96 10.89 -2.54
N ARG A 320 17.68 10.64 -1.45
CA ARG A 320 17.34 11.27 -0.15
C ARG A 320 18.57 11.41 0.71
N ILE A 321 18.44 12.32 1.67
CA ILE A 321 19.49 12.74 2.64
C ILE A 321 19.90 11.52 3.47
N ASN A 322 21.20 11.28 3.58
CA ASN A 322 21.80 10.14 4.33
C ASN A 322 21.21 10.13 5.74
N GLU A 323 20.87 8.96 6.26
CA GLU A 323 20.36 8.79 7.63
C GLU A 323 21.32 7.84 8.35
N GLY A 324 21.30 7.84 9.68
CA GLY A 324 21.99 6.80 10.50
C GLY A 324 21.21 5.49 10.55
N LEU A 325 21.86 4.42 11.00
CA LEU A 325 21.35 3.04 10.92
C LEU A 325 21.49 2.38 12.29
N ALA A 326 21.79 3.18 13.31
CA ALA A 326 22.14 2.71 14.69
C ALA A 326 21.22 3.36 15.74
N GLY A 327 20.44 2.51 16.43
CA GLY A 327 19.68 2.87 17.65
C GLY A 327 18.74 4.04 17.40
N GLY A 328 18.84 5.06 18.25
CA GLY A 328 18.11 6.33 18.12
C GLY A 328 18.55 7.14 16.91
N THR A 329 19.66 6.77 16.27
CA THR A 329 20.16 7.48 15.05
C THR A 329 19.62 6.79 13.79
N GLU A 330 18.90 5.67 13.94
CA GLU A 330 18.19 5.02 12.80
C GLU A 330 17.10 5.99 12.33
N GLY A 331 17.24 6.52 11.12
CA GLY A 331 16.14 7.18 10.40
C GLY A 331 15.99 8.61 10.86
N ILE A 332 17.13 9.25 11.18
CA ILE A 332 17.28 10.71 11.30
C ILE A 332 18.41 11.09 10.33
N PHE A 333 18.35 12.29 9.76
CA PHE A 333 19.45 12.83 8.92
C PHE A 333 20.75 12.74 9.72
N ASP A 334 21.77 12.11 9.15
CA ASP A 334 23.14 11.97 9.71
C ASP A 334 23.94 13.22 9.34
N PRO A 335 24.28 14.10 10.30
CA PRO A 335 25.02 15.32 9.97
C PRO A 335 26.55 15.13 9.87
N ASN A 336 27.07 13.92 10.09
CA ASN A 336 28.49 13.54 9.85
C ASN A 336 28.71 13.22 8.37
N ASN A 337 27.64 12.85 7.67
CA ASN A 337 27.65 12.34 6.27
C ASN A 337 26.57 13.11 5.50
N ALA A 338 26.52 14.43 5.69
CA ALA A 338 25.48 15.31 5.08
C ALA A 338 25.54 15.21 3.55
N GLY A 339 24.39 15.33 2.89
CA GLY A 339 24.27 15.21 1.43
C GLY A 339 23.27 14.13 1.05
N PHE A 340 22.88 14.09 -0.22
CA PHE A 340 21.96 13.07 -0.80
C PHE A 340 22.79 11.87 -1.27
N TYR A 341 22.28 10.64 -1.06
CA TYR A 341 22.61 9.44 -1.85
C TYR A 341 21.46 9.12 -2.79
N THR A 342 21.66 8.21 -3.74
CA THR A 342 20.62 7.71 -4.65
C THR A 342 20.60 6.19 -4.64
N ALA A 343 19.51 5.58 -4.16
CA ALA A 343 19.21 4.15 -4.30
C ALA A 343 18.47 3.94 -5.63
N THR A 344 18.84 2.89 -6.33
CA THR A 344 18.33 2.62 -7.68
C THR A 344 17.72 1.23 -7.70
N LEU A 345 16.45 1.17 -8.11
CA LEU A 345 15.70 -0.08 -8.30
C LEU A 345 15.41 -0.21 -9.79
N ARG A 346 15.99 -1.25 -10.39
CA ARG A 346 15.65 -1.74 -11.74
C ARG A 346 14.79 -2.99 -11.54
N ASP A 347 13.51 -2.89 -11.90
CA ASP A 347 12.57 -4.03 -11.82
C ASP A 347 12.08 -4.35 -13.23
N LEU A 348 12.26 -5.62 -13.60
CA LEU A 348 11.95 -6.17 -14.95
C LEU A 348 10.85 -7.22 -14.80
N THR A 349 9.73 -7.04 -15.49
CA THR A 349 8.57 -7.97 -15.44
C THR A 349 8.14 -8.35 -16.85
N ALA A 350 8.07 -9.66 -17.10
CA ALA A 350 7.49 -10.27 -18.32
C ALA A 350 6.49 -11.34 -17.89
N HIS A 351 5.36 -11.41 -18.62
CA HIS A 351 4.15 -12.20 -18.29
C HIS A 351 3.53 -12.73 -19.59
N GLY A 352 3.14 -14.00 -19.59
CA GLY A 352 2.42 -14.62 -20.72
C GLY A 352 1.25 -15.42 -20.22
N GLU A 353 0.04 -15.13 -20.74
CA GLU A 353 -1.18 -15.93 -20.50
C GLU A 353 -1.92 -16.17 -21.82
N VAL A 354 -2.41 -17.39 -22.03
CA VAL A 354 -3.48 -17.73 -23.01
C VAL A 354 -4.70 -18.28 -22.26
N ASN A 355 -5.89 -17.98 -22.78
CA ASN A 355 -7.20 -18.37 -22.20
C ASN A 355 -7.96 -19.20 -23.23
N LEU A 356 -8.41 -20.40 -22.81
CA LEU A 356 -9.04 -21.42 -23.68
C LEU A 356 -10.45 -21.69 -23.17
N PRO A 357 -11.51 -21.41 -23.97
CA PRO A 357 -12.77 -22.15 -23.86
C PRO A 357 -12.58 -23.65 -24.10
N LEU A 358 -13.20 -24.51 -23.26
CA LEU A 358 -13.22 -25.99 -23.39
C LEU A 358 -14.67 -26.50 -23.25
N HIS A 359 -15.01 -27.60 -23.96
CA HIS A 359 -16.35 -28.25 -23.94
C HIS A 359 -16.20 -29.73 -23.62
N LEU A 360 -16.60 -30.11 -22.41
CA LEU A 360 -16.42 -31.47 -21.83
C LEU A 360 -17.64 -31.79 -20.95
N GLY A 361 -17.63 -32.95 -20.28
CA GLY A 361 -18.62 -33.33 -19.25
C GLY A 361 -18.94 -32.18 -18.32
N TYR A 362 -18.02 -31.21 -18.19
CA TYR A 362 -18.25 -29.89 -17.54
C TYR A 362 -17.72 -28.77 -18.44
N GLU A 363 -18.57 -27.77 -18.68
CA GLU A 363 -18.25 -26.50 -19.38
C GLU A 363 -17.20 -25.74 -18.56
N GLN A 364 -16.14 -25.21 -19.20
CA GLN A 364 -14.97 -24.63 -18.48
C GLN A 364 -14.18 -23.68 -19.37
N THR A 365 -13.27 -22.90 -18.77
CA THR A 365 -12.23 -22.07 -19.44
C THR A 365 -10.88 -22.22 -18.73
N LEU A 366 -9.87 -22.67 -19.47
CA LEU A 366 -8.48 -22.92 -18.97
C LEU A 366 -7.57 -21.73 -19.34
N THR A 367 -6.87 -21.18 -18.35
CA THR A 367 -5.83 -20.12 -18.52
C THR A 367 -4.46 -20.72 -18.20
N LEU A 368 -3.51 -20.64 -19.13
CA LEU A 368 -2.11 -21.09 -18.95
C LEU A 368 -1.18 -19.87 -18.94
N GLY A 369 -0.16 -19.85 -18.07
CA GLY A 369 0.73 -18.67 -17.89
C GLY A 369 2.09 -19.00 -17.31
N SER A 370 3.12 -18.32 -17.83
CA SER A 370 4.42 -18.09 -17.16
C SER A 370 4.49 -16.64 -16.66
N GLU A 371 5.34 -16.38 -15.67
CA GLU A 371 5.78 -15.01 -15.27
C GLU A 371 7.28 -15.03 -14.92
N TRP A 372 8.00 -13.99 -15.36
CA TRP A 372 9.42 -13.74 -14.96
C TRP A 372 9.60 -12.30 -14.45
N THR A 373 10.19 -12.15 -13.26
CA THR A 373 10.55 -10.83 -12.68
C THR A 373 12.00 -10.86 -12.19
N GLU A 374 12.68 -9.71 -12.29
CA GLU A 374 14.02 -9.44 -11.74
C GLU A 374 13.98 -8.09 -11.02
N GLN A 375 14.36 -8.09 -9.75
CA GLN A 375 14.54 -6.90 -8.89
C GLN A 375 16.04 -6.71 -8.64
N LYS A 376 16.66 -5.71 -9.27
CA LYS A 376 18.03 -5.22 -8.89
C LYS A 376 17.85 -4.01 -7.99
N LEU A 377 18.45 -4.03 -6.79
CA LEU A 377 18.51 -2.86 -5.88
C LEU A 377 19.96 -2.45 -5.67
N ASP A 378 20.30 -1.23 -6.04
CA ASP A 378 21.55 -0.56 -5.64
C ASP A 378 21.25 0.51 -4.58
N ASP A 379 21.69 0.27 -3.35
CA ASP A 379 21.47 1.20 -2.20
C ASP A 379 22.81 1.48 -1.51
N PRO A 380 23.45 2.65 -1.77
CA PRO A 380 24.83 2.89 -1.35
C PRO A 380 25.00 3.33 0.11
N SER A 381 23.94 3.27 0.91
CA SER A 381 23.82 3.92 2.24
C SER A 381 23.38 2.90 3.29
N SER A 382 22.43 2.02 2.94
CA SER A 382 21.81 1.01 3.83
C SER A 382 22.86 0.05 4.38
N ASN A 383 23.93 -0.21 3.63
CA ASN A 383 24.84 -1.34 3.92
C ASN A 383 26.14 -0.86 4.57
N THR A 384 26.11 0.24 5.34
CA THR A 384 27.34 0.99 5.69
C THR A 384 27.53 1.01 7.21
N GLN A 385 26.57 0.52 7.99
CA GLN A 385 26.78 0.35 9.45
C GLN A 385 28.01 -0.51 9.66
N ASN A 386 28.91 -0.04 10.53
CA ASN A 386 30.21 -0.69 10.78
C ASN A 386 30.25 -1.15 12.24
N THR A 387 31.22 -2.01 12.55
CA THR A 387 31.14 -3.02 13.63
C THR A 387 32.15 -2.65 14.73
N GLU A 388 32.65 -1.41 14.71
CA GLU A 388 33.73 -0.97 15.62
C GLU A 388 33.21 -1.03 17.06
N GLU A 389 32.07 -0.44 17.34
CA GLU A 389 31.49 -0.29 18.69
C GLU A 389 31.00 -1.67 19.19
N GLY A 390 30.28 -2.41 18.36
CA GLY A 390 29.64 -3.69 18.79
C GLY A 390 30.59 -4.87 18.65
N GLY A 391 31.66 -4.71 17.87
CA GLY A 391 32.63 -5.77 17.56
C GLY A 391 32.21 -6.51 16.29
N SER A 392 33.17 -7.14 15.60
CA SER A 392 33.04 -7.55 14.17
C SER A 392 32.22 -8.84 14.07
N ILE A 393 31.67 -9.10 12.88
CA ILE A 393 30.77 -10.26 12.64
C ILE A 393 31.37 -11.16 11.57
N PRO A 394 31.86 -12.37 11.94
CA PRO A 394 32.49 -13.25 10.97
C PRO A 394 31.54 -13.45 9.77
N GLY A 395 32.03 -13.13 8.57
CA GLY A 395 31.26 -13.22 7.30
C GLY A 395 30.71 -11.88 6.85
N LEU A 396 30.85 -10.83 7.66
CA LEU A 396 30.42 -9.47 7.27
C LEU A 396 31.59 -8.50 7.35
N ALA A 397 32.01 -7.95 6.21
CA ALA A 397 33.07 -6.90 6.15
C ALA A 397 32.50 -5.63 6.78
N GLY A 398 33.27 -4.97 7.63
CA GLY A 398 32.82 -3.77 8.38
C GLY A 398 32.76 -2.51 7.53
N LYS A 399 33.46 -2.47 6.39
CA LYS A 399 33.49 -1.31 5.45
C LYS A 399 33.46 -1.79 4.00
N ASN A 400 32.86 -0.99 3.11
CA ASN A 400 32.85 -1.19 1.63
C ASN A 400 32.18 -2.52 1.29
N ARG A 401 31.11 -2.88 2.02
CA ARG A 401 30.21 -4.00 1.65
C ARG A 401 29.51 -3.63 0.34
N SER A 402 29.08 -4.61 -0.45
CA SER A 402 28.36 -4.34 -1.72
C SER A 402 27.07 -3.53 -1.45
N SER A 403 26.71 -2.66 -2.39
CA SER A 403 25.44 -1.89 -2.40
C SER A 403 24.30 -2.70 -3.04
N SER A 404 24.61 -3.89 -3.56
CA SER A 404 23.78 -4.58 -4.57
C SER A 404 23.03 -5.76 -3.95
N SER A 405 21.77 -5.91 -4.37
CA SER A 405 20.82 -7.00 -4.04
C SER A 405 20.06 -7.32 -5.32
N SER A 406 19.59 -8.54 -5.47
CA SER A 406 18.80 -8.97 -6.65
C SER A 406 18.04 -10.25 -6.29
N ALA A 407 16.87 -10.46 -6.87
CA ALA A 407 16.19 -11.76 -6.85
C ALA A 407 15.40 -11.91 -8.14
N ARG A 408 15.45 -13.10 -8.72
CA ARG A 408 14.58 -13.49 -9.85
C ARG A 408 13.58 -14.54 -9.34
N ILE A 409 12.28 -14.31 -9.57
CA ILE A 409 11.22 -15.37 -9.46
C ILE A 409 10.81 -15.80 -10.87
N PHE A 410 10.87 -17.10 -11.17
CA PHE A 410 10.14 -17.70 -12.31
C PHE A 410 8.89 -18.40 -11.81
N SER A 411 7.79 -18.24 -12.56
CA SER A 411 6.41 -18.62 -12.19
C SER A 411 5.70 -19.28 -13.39
N LEU A 412 5.07 -20.43 -13.14
CA LEU A 412 4.11 -21.08 -14.07
C LEU A 412 2.80 -21.28 -13.31
N PHE A 413 1.66 -21.19 -14.02
CA PHE A 413 0.30 -21.28 -13.44
C PHE A 413 -0.71 -21.66 -14.51
N ALA A 414 -1.78 -22.35 -14.07
CA ALA A 414 -3.01 -22.64 -14.87
C ALA A 414 -4.24 -22.44 -13.98
N GLU A 415 -5.19 -21.63 -14.43
CA GLU A 415 -6.52 -21.43 -13.76
C GLU A 415 -7.56 -22.20 -14.59
N ASP A 416 -8.41 -22.98 -13.92
CA ASP A 416 -9.57 -23.61 -14.60
C ASP A 416 -10.88 -23.12 -13.97
N ASN A 417 -11.65 -22.42 -14.80
CA ASN A 417 -12.89 -21.70 -14.46
C ASN A 417 -14.10 -22.54 -14.91
N ILE A 418 -14.51 -23.48 -14.06
CA ILE A 418 -15.43 -24.60 -14.43
C ILE A 418 -16.87 -24.22 -14.07
N GLU A 419 -17.75 -24.22 -15.08
CA GLU A 419 -19.25 -24.19 -14.94
C GLU A 419 -19.78 -25.62 -14.75
N LEU A 420 -20.12 -25.99 -13.51
CA LEU A 420 -20.72 -27.31 -13.15
C LEU A 420 -22.19 -27.33 -13.61
N MET A 421 -23.03 -26.50 -13.01
CA MET A 421 -24.42 -26.20 -13.46
C MET A 421 -24.60 -24.70 -13.56
N PRO A 422 -25.22 -24.20 -14.66
CA PRO A 422 -25.34 -22.76 -14.91
C PRO A 422 -25.58 -21.91 -13.65
N GLY A 423 -24.71 -20.94 -13.38
CA GLY A 423 -24.81 -20.04 -12.20
C GLY A 423 -23.87 -20.46 -11.08
N THR A 424 -23.31 -21.68 -11.16
CA THR A 424 -22.27 -22.22 -10.25
C THR A 424 -20.92 -22.32 -10.99
N MET A 425 -19.85 -21.78 -10.39
CA MET A 425 -18.45 -21.81 -10.93
C MET A 425 -17.50 -22.42 -9.91
N LEU A 426 -16.70 -23.40 -10.33
CA LEU A 426 -15.58 -23.95 -9.53
C LEU A 426 -14.29 -23.59 -10.25
N THR A 427 -13.37 -22.90 -9.55
CA THR A 427 -12.11 -22.36 -10.12
C THR A 427 -10.94 -22.89 -9.30
N PRO A 428 -10.35 -24.04 -9.69
CA PRO A 428 -9.03 -24.43 -9.19
C PRO A 428 -7.89 -23.86 -10.04
N GLY A 429 -6.82 -23.43 -9.37
CA GLY A 429 -5.59 -22.94 -10.03
C GLY A 429 -4.35 -23.30 -9.24
N LEU A 430 -3.28 -23.69 -9.93
CA LEU A 430 -1.96 -23.98 -9.33
C LEU A 430 -1.00 -22.91 -9.81
N ARG A 431 -0.35 -22.20 -8.87
CA ARG A 431 0.85 -21.39 -9.17
C ARG A 431 2.07 -22.05 -8.52
N TRP A 432 3.11 -22.27 -9.33
CA TRP A 432 4.47 -22.67 -8.88
C TRP A 432 5.46 -21.55 -9.20
N ASP A 433 6.25 -21.17 -8.21
CA ASP A 433 7.24 -20.06 -8.29
C ASP A 433 8.61 -20.59 -7.86
N HIS A 434 9.65 -20.37 -8.68
CA HIS A 434 11.08 -20.58 -8.31
C HIS A 434 11.74 -19.25 -8.03
N HIS A 435 11.96 -18.97 -6.75
CA HIS A 435 12.77 -17.83 -6.24
C HIS A 435 14.22 -18.29 -6.15
N ASP A 436 15.13 -17.57 -6.81
CA ASP A 436 16.52 -18.04 -7.01
C ASP A 436 17.24 -18.15 -5.66
N ILE A 437 16.75 -17.54 -4.57
CA ILE A 437 17.47 -17.68 -3.27
C ILE A 437 16.68 -18.62 -2.37
N VAL A 438 15.40 -18.30 -2.18
CA VAL A 438 14.55 -18.89 -1.11
C VAL A 438 14.08 -20.29 -1.55
N GLY A 439 13.93 -20.51 -2.86
CA GLY A 439 13.65 -21.83 -3.44
C GLY A 439 12.28 -21.86 -4.06
N ASP A 440 11.63 -23.02 -3.96
CA ASP A 440 10.37 -23.32 -4.69
C ASP A 440 9.19 -23.01 -3.77
N ASN A 441 8.15 -22.40 -4.33
CA ASN A 441 6.83 -22.23 -3.67
C ASN A 441 5.73 -22.89 -4.52
N TRP A 442 4.82 -23.59 -3.84
CA TRP A 442 3.54 -24.10 -4.41
C TRP A 442 2.37 -23.34 -3.76
N SER A 443 1.72 -22.45 -4.53
CA SER A 443 0.50 -21.67 -4.15
C SER A 443 -0.71 -22.23 -4.92
N PRO A 444 -1.40 -23.26 -4.37
CA PRO A 444 -2.67 -23.74 -4.90
C PRO A 444 -3.85 -22.85 -4.45
N SER A 445 -4.93 -22.81 -5.23
CA SER A 445 -6.17 -22.04 -4.92
C SER A 445 -7.41 -22.80 -5.38
N LEU A 446 -8.54 -22.59 -4.70
CA LEU A 446 -9.89 -23.08 -5.07
C LEU A 446 -10.94 -22.02 -4.72
N ASN A 447 -11.68 -21.55 -5.74
CA ASN A 447 -12.70 -20.49 -5.60
C ASN A 447 -14.05 -20.98 -6.16
N LEU A 448 -15.03 -21.14 -5.26
CA LEU A 448 -16.42 -21.59 -5.51
C LEU A 448 -17.34 -20.36 -5.41
N SER A 449 -18.25 -20.21 -6.39
CA SER A 449 -19.42 -19.30 -6.33
C SER A 449 -20.68 -20.09 -6.71
N HIS A 450 -21.73 -20.04 -5.88
CA HIS A 450 -22.94 -20.89 -6.00
C HIS A 450 -24.22 -20.04 -5.95
N ALA A 451 -24.98 -20.03 -7.04
CA ALA A 451 -26.34 -19.47 -7.07
C ALA A 451 -27.24 -20.40 -6.24
N LEU A 452 -27.71 -19.93 -5.08
CA LEU A 452 -28.69 -20.66 -4.24
C LEU A 452 -30.08 -20.19 -4.66
N THR A 453 -30.16 -18.99 -5.21
CA THR A 453 -31.41 -18.36 -5.67
C THR A 453 -31.02 -17.40 -6.77
N GLU A 454 -31.99 -16.80 -7.46
CA GLU A 454 -31.71 -15.80 -8.53
C GLU A 454 -31.38 -14.45 -7.88
N ARG A 455 -31.42 -14.35 -6.56
CA ARG A 455 -31.06 -13.11 -5.84
C ARG A 455 -29.96 -13.42 -4.83
N VAL A 456 -29.62 -14.69 -4.64
CA VAL A 456 -28.65 -15.06 -3.57
C VAL A 456 -27.55 -15.89 -4.20
N THR A 457 -26.32 -15.61 -3.77
CA THR A 457 -25.07 -16.24 -4.24
C THR A 457 -24.19 -16.51 -3.02
N LEU A 458 -23.75 -17.75 -2.84
CA LEU A 458 -22.76 -18.13 -1.80
C LEU A 458 -21.37 -18.17 -2.45
N LYS A 459 -20.34 -17.66 -1.79
CA LYS A 459 -18.94 -17.76 -2.28
C LYS A 459 -18.06 -18.27 -1.14
N ALA A 460 -17.23 -19.28 -1.46
CA ALA A 460 -16.20 -19.83 -0.57
C ALA A 460 -14.88 -19.89 -1.34
N GLY A 461 -13.77 -19.67 -0.63
CA GLY A 461 -12.41 -19.64 -1.23
C GLY A 461 -11.37 -19.98 -0.18
N ILE A 462 -10.43 -20.86 -0.53
CA ILE A 462 -9.24 -21.21 0.30
C ILE A 462 -8.05 -21.25 -0.66
N ALA A 463 -7.07 -20.37 -0.45
CA ALA A 463 -5.83 -20.33 -1.26
C ALA A 463 -4.62 -20.14 -0.32
N ARG A 464 -3.45 -20.63 -0.75
CA ARG A 464 -2.16 -20.37 -0.08
C ARG A 464 -1.43 -19.30 -0.89
N ALA A 465 -1.38 -18.06 -0.40
CA ALA A 465 -0.75 -16.92 -1.08
C ALA A 465 0.74 -16.90 -0.72
N TYR A 466 1.51 -16.04 -1.38
CA TYR A 466 2.99 -16.14 -1.46
C TYR A 466 3.60 -14.76 -1.17
N LYS A 467 4.64 -14.71 -0.31
CA LYS A 467 5.44 -13.49 -0.05
C LYS A 467 6.94 -13.80 -0.07
N ALA A 468 7.65 -13.31 -1.09
CA ALA A 468 9.13 -13.40 -1.16
C ALA A 468 9.70 -12.40 -0.18
N PRO A 469 10.72 -12.77 0.63
CA PRO A 469 11.45 -11.79 1.43
C PRO A 469 11.88 -10.59 0.57
N ASN A 470 11.86 -9.37 1.12
CA ASN A 470 12.31 -8.18 0.38
C ASN A 470 13.85 -8.18 0.42
N LEU A 471 14.51 -7.42 -0.46
CA LEU A 471 15.98 -7.53 -0.68
C LEU A 471 16.77 -7.03 0.53
N TYR A 472 16.11 -6.33 1.45
CA TYR A 472 16.72 -5.86 2.72
C TYR A 472 16.77 -7.05 3.68
N GLN A 473 15.63 -7.70 3.89
CA GLN A 473 15.48 -8.86 4.81
C GLN A 473 16.48 -9.95 4.41
N LEU A 474 16.73 -10.09 3.11
CA LEU A 474 17.40 -11.26 2.48
C LEU A 474 18.93 -11.13 2.56
N ASN A 475 19.44 -9.91 2.80
CA ASN A 475 20.84 -9.50 2.46
C ASN A 475 21.72 -9.51 3.72
N PRO A 476 22.66 -10.47 3.81
CA PRO A 476 23.52 -10.58 4.98
C PRO A 476 24.45 -9.37 5.18
N ASP A 477 24.48 -8.46 4.21
CA ASP A 477 25.32 -7.22 4.30
C ASP A 477 24.50 -6.09 4.94
N TYR A 478 23.17 -6.22 5.02
CA TYR A 478 22.25 -5.22 5.63
C TYR A 478 22.21 -5.40 7.14
N LEU A 479 22.62 -4.36 7.87
CA LEU A 479 23.10 -4.47 9.27
C LEU A 479 22.69 -3.21 10.01
N LEU A 480 21.84 -3.39 11.02
CA LEU A 480 21.41 -2.33 11.97
C LEU A 480 22.04 -2.64 13.31
N TYR A 481 22.19 -1.62 14.16
CA TYR A 481 22.84 -1.73 15.48
C TYR A 481 22.05 -0.91 16.51
N SER A 482 21.99 -1.47 17.72
CA SER A 482 21.43 -0.79 18.91
C SER A 482 22.36 -1.10 20.08
N ARG A 483 22.52 -0.11 20.97
CA ARG A 483 23.30 -0.30 22.24
C ARG A 483 22.45 -1.06 23.26
N GLY A 484 21.19 -1.36 22.96
CA GLY A 484 20.33 -2.16 23.85
C GLY A 484 18.87 -1.84 23.70
N GLN A 485 18.52 -0.55 23.60
CA GLN A 485 17.12 -0.04 23.78
C GLN A 485 16.18 -0.75 22.79
N GLY A 486 16.71 -1.27 21.67
CA GLY A 486 15.92 -1.93 20.61
C GLY A 486 16.21 -3.42 20.48
N CYS A 487 16.80 -4.04 21.51
CA CYS A 487 17.21 -5.47 21.49
C CYS A 487 16.20 -6.32 22.25
N TYR A 488 15.72 -7.39 21.63
CA TYR A 488 14.67 -8.26 22.23
C TYR A 488 15.28 -9.14 23.32
N GLY A 489 14.80 -8.99 24.56
CA GLY A 489 15.06 -9.89 25.70
C GLY A 489 16.38 -9.61 26.37
N GLN A 490 16.85 -8.35 26.35
CA GLN A 490 18.15 -7.91 26.93
C GLN A 490 18.30 -6.38 26.79
N SER A 491 19.30 -5.82 27.46
CA SER A 491 19.68 -4.37 27.44
C SER A 491 21.01 -4.17 26.71
N THR A 492 21.75 -5.26 26.44
CA THR A 492 23.12 -5.22 25.82
C THR A 492 22.98 -4.70 24.39
N SER A 493 24.08 -4.18 23.83
CA SER A 493 24.28 -3.92 22.39
C SER A 493 23.86 -5.17 21.60
N CYS A 494 23.28 -4.94 20.42
CA CYS A 494 22.93 -6.02 19.48
C CYS A 494 22.92 -5.49 18.05
N TYR A 495 23.25 -6.39 17.13
CA TYR A 495 23.13 -6.25 15.66
C TYR A 495 21.82 -6.92 15.22
N LEU A 496 21.17 -6.35 14.19
CA LEU A 496 20.19 -7.07 13.35
C LEU A 496 20.78 -7.23 11.96
N ARG A 497 20.62 -8.41 11.38
CA ARG A 497 21.30 -8.79 10.14
C ARG A 497 20.35 -9.46 9.16
N GLY A 498 20.51 -9.17 7.87
CA GLY A 498 19.85 -9.89 6.76
C GLY A 498 20.20 -11.36 6.75
N ASN A 499 19.36 -12.17 6.12
CA ASN A 499 19.36 -13.64 6.30
C ASN A 499 18.85 -14.28 5.02
N ASP A 500 19.77 -14.79 4.18
CA ASP A 500 19.41 -15.44 2.89
C ASP A 500 18.94 -16.88 3.16
N GLY A 501 18.89 -17.26 4.44
CA GLY A 501 18.37 -18.56 4.91
C GLY A 501 16.87 -18.53 5.10
N LEU A 502 16.24 -17.39 4.79
CA LEU A 502 14.80 -17.13 5.10
C LEU A 502 13.93 -18.04 4.23
N LYS A 503 12.81 -18.50 4.79
CA LYS A 503 11.67 -19.04 3.98
C LYS A 503 10.76 -17.87 3.59
N ALA A 504 10.13 -17.95 2.42
CA ALA A 504 9.04 -17.04 1.99
C ALA A 504 7.88 -17.16 2.98
N GLU A 505 7.15 -16.06 3.18
CA GLU A 505 5.89 -16.00 3.96
C GLU A 505 4.77 -16.58 3.09
N THR A 506 4.03 -17.52 3.64
CA THR A 506 2.83 -18.11 3.02
C THR A 506 1.65 -17.86 3.97
N SER A 507 0.44 -17.76 3.41
CA SER A 507 -0.83 -17.52 4.14
C SER A 507 -1.92 -18.34 3.43
N VAL A 508 -2.61 -19.19 4.21
CA VAL A 508 -3.87 -19.86 3.79
C VAL A 508 -5.01 -18.88 4.08
N ASN A 509 -5.31 -18.01 3.11
CA ASN A 509 -6.47 -17.09 3.13
C ASN A 509 -7.74 -17.91 2.90
N LYS A 510 -8.55 -18.13 3.95
CA LYS A 510 -9.96 -18.65 3.84
C LYS A 510 -10.93 -17.47 3.78
N GLU A 511 -12.00 -17.57 2.99
CA GLU A 511 -13.18 -16.65 3.00
C GLU A 511 -14.47 -17.41 2.67
N LEU A 512 -15.50 -17.21 3.48
CA LEU A 512 -16.88 -17.71 3.25
C LEU A 512 -17.85 -16.53 3.31
N GLY A 513 -18.62 -16.29 2.24
CA GLY A 513 -19.46 -15.09 2.08
C GLY A 513 -20.81 -15.42 1.45
N ILE A 514 -21.81 -14.58 1.71
CA ILE A 514 -23.16 -14.66 1.07
C ILE A 514 -23.64 -13.26 0.66
N GLU A 515 -24.30 -13.15 -0.51
CA GLU A 515 -24.75 -11.85 -1.07
C GLU A 515 -26.13 -12.00 -1.74
N TYR A 516 -27.10 -11.19 -1.30
CA TYR A 516 -28.39 -10.91 -1.98
C TYR A 516 -28.17 -9.70 -2.88
N SER A 517 -28.57 -9.81 -4.15
CA SER A 517 -28.47 -8.72 -5.15
C SER A 517 -29.68 -8.74 -6.08
N HIS A 518 -30.50 -7.70 -6.04
CA HIS A 518 -31.77 -7.65 -6.80
C HIS A 518 -32.27 -6.20 -6.87
N ASP A 519 -32.50 -5.73 -8.10
CA ASP A 519 -32.98 -4.36 -8.43
C ASP A 519 -32.17 -3.33 -7.65
N GLY A 520 -30.84 -3.43 -7.72
CA GLY A 520 -29.91 -2.50 -7.03
C GLY A 520 -30.05 -2.52 -5.52
N LEU A 521 -30.87 -3.43 -4.98
CA LEU A 521 -30.77 -3.85 -3.56
C LEU A 521 -29.64 -4.86 -3.43
N VAL A 522 -28.59 -4.50 -2.69
CA VAL A 522 -27.43 -5.38 -2.41
C VAL A 522 -27.22 -5.46 -0.90
N ALA A 523 -27.16 -6.68 -0.36
CA ALA A 523 -26.84 -6.98 1.05
C ALA A 523 -25.93 -8.22 1.08
N GLY A 524 -24.72 -8.06 1.60
CA GLY A 524 -23.70 -9.13 1.65
C GLY A 524 -22.87 -9.05 2.91
N LEU A 525 -22.40 -10.21 3.37
CA LEU A 525 -21.50 -10.31 4.54
C LEU A 525 -20.53 -11.46 4.30
N THR A 526 -19.23 -11.19 4.45
CA THR A 526 -18.13 -12.16 4.27
C THR A 526 -17.36 -12.28 5.60
N TYR A 527 -17.09 -13.51 6.01
CA TYR A 527 -16.05 -13.88 6.99
C TYR A 527 -14.77 -14.25 6.24
N PHE A 528 -13.63 -13.76 6.73
CA PHE A 528 -12.28 -14.11 6.20
C PHE A 528 -11.39 -14.51 7.39
N ARG A 529 -10.56 -15.52 7.17
CA ARG A 529 -9.44 -15.87 8.10
C ARG A 529 -8.23 -16.23 7.27
N ASN A 530 -7.13 -15.50 7.48
CA ASN A 530 -5.80 -15.77 6.87
C ASN A 530 -4.91 -16.39 7.95
N ASP A 531 -4.53 -17.66 7.79
CA ASP A 531 -3.52 -18.34 8.63
C ASP A 531 -2.15 -18.06 8.02
N TYR A 532 -1.30 -17.38 8.78
CA TYR A 532 -0.11 -16.63 8.30
C TYR A 532 1.16 -17.33 8.81
N LYS A 533 1.90 -17.99 7.91
CA LYS A 533 3.05 -18.87 8.25
C LYS A 533 4.36 -18.18 7.80
N ASN A 534 5.32 -18.08 8.72
CA ASN A 534 6.69 -17.60 8.42
C ASN A 534 6.64 -16.11 8.07
N LYS A 535 5.79 -15.34 8.75
CA LYS A 535 5.88 -13.85 8.71
C LYS A 535 7.30 -13.45 9.12
N ILE A 536 8.01 -12.72 8.24
CA ILE A 536 9.43 -12.30 8.43
C ILE A 536 9.47 -11.00 9.26
N GLU A 537 10.39 -10.91 10.22
CA GLU A 537 10.30 -9.94 11.34
C GLU A 537 11.62 -9.95 12.12
N SER A 538 12.02 -8.83 12.72
CA SER A 538 13.28 -8.77 13.51
C SER A 538 13.22 -9.85 14.60
N GLY A 539 14.29 -10.63 14.74
CA GLY A 539 14.35 -11.88 15.52
C GLY A 539 14.26 -11.65 17.01
N LEU A 540 14.03 -12.71 17.79
CA LEU A 540 13.72 -12.64 19.25
C LEU A 540 14.89 -13.21 20.07
N SER A 541 15.63 -14.20 19.53
CA SER A 541 16.83 -14.82 20.13
C SER A 541 18.09 -14.45 19.35
N PRO A 542 19.19 -14.09 20.04
CA PRO A 542 20.50 -14.02 19.39
C PRO A 542 20.83 -15.38 18.76
N VAL A 543 21.31 -15.38 17.52
CA VAL A 543 21.83 -16.60 16.85
C VAL A 543 23.33 -16.71 17.09
N ASP A 544 23.97 -15.65 17.58
CA ASP A 544 25.45 -15.51 17.61
C ASP A 544 25.81 -14.28 18.45
N HIS A 545 27.11 -14.09 18.72
CA HIS A 545 27.67 -12.86 19.34
C HIS A 545 28.90 -12.45 18.55
N ALA A 546 29.09 -11.15 18.33
CA ALA A 546 30.26 -10.60 17.60
C ALA A 546 31.49 -10.63 18.51
N SER A 547 32.66 -10.30 17.98
CA SER A 547 33.93 -10.25 18.74
C SER A 547 34.57 -8.86 18.67
N GLY A 548 34.77 -8.20 19.83
CA GLY A 548 35.57 -6.98 19.96
C GLY A 548 34.70 -5.76 20.05
N GLY A 549 35.32 -4.59 19.90
CA GLY A 549 34.68 -3.27 19.99
C GLY A 549 34.87 -2.64 21.37
N LYS A 550 34.00 -1.68 21.72
CA LYS A 550 34.24 -0.60 22.71
C LYS A 550 33.48 -0.93 23.99
N GLY A 551 34.11 -0.77 25.15
CA GLY A 551 33.48 -0.76 26.48
C GLY A 551 32.39 -1.80 26.60
N ASP A 552 31.25 -1.41 27.20
CA ASP A 552 30.16 -2.33 27.63
C ASP A 552 29.38 -2.83 26.41
N TYR A 553 29.55 -2.16 25.27
CA TYR A 553 28.90 -2.43 23.95
C TYR A 553 29.63 -3.53 23.17
N ALA A 554 30.82 -3.94 23.65
CA ALA A 554 31.69 -4.92 22.94
C ALA A 554 30.94 -6.24 22.84
N ASN A 555 31.27 -7.07 21.83
CA ASN A 555 30.82 -8.47 21.70
C ASN A 555 29.29 -8.51 21.69
N ALA A 556 28.68 -7.56 20.97
CA ALA A 556 27.21 -7.37 20.86
C ALA A 556 26.57 -8.66 20.37
N ALA A 557 25.31 -8.89 20.77
CA ALA A 557 24.51 -10.06 20.32
C ALA A 557 24.05 -9.83 18.89
N ILE A 558 23.98 -10.90 18.08
CA ILE A 558 23.58 -10.92 16.66
C ILE A 558 22.19 -11.55 16.55
N TYR A 559 21.22 -10.79 16.07
CA TYR A 559 19.88 -11.29 15.64
C TYR A 559 19.79 -11.20 14.12
N GLN A 560 19.03 -12.08 13.46
CA GLN A 560 18.78 -11.91 12.01
C GLN A 560 17.29 -11.78 11.76
N TRP A 561 16.90 -11.42 10.56
CA TRP A 561 15.49 -11.44 10.14
C TRP A 561 15.01 -12.88 10.20
N GLU A 562 14.03 -13.18 11.05
CA GLU A 562 13.55 -14.57 11.30
C GLU A 562 12.18 -14.75 10.63
N ASN A 563 11.81 -16.00 10.38
CA ASN A 563 10.43 -16.42 10.01
C ASN A 563 9.66 -16.72 11.30
N VAL A 564 8.62 -15.95 11.61
CA VAL A 564 7.66 -16.26 12.72
C VAL A 564 6.82 -17.46 12.28
N PRO A 565 6.78 -18.54 13.09
CA PRO A 565 6.08 -19.77 12.71
C PRO A 565 4.61 -19.54 12.32
N LYS A 566 3.83 -18.88 13.19
CA LYS A 566 2.36 -18.74 13.03
C LYS A 566 1.90 -17.33 13.41
N ALA A 567 1.03 -16.75 12.57
CA ALA A 567 0.17 -15.59 12.90
C ALA A 567 -1.20 -15.74 12.23
N VAL A 568 -2.22 -15.05 12.76
CA VAL A 568 -3.65 -15.14 12.33
C VAL A 568 -4.22 -13.72 12.20
N VAL A 569 -4.88 -13.46 11.07
CA VAL A 569 -5.88 -12.35 10.95
C VAL A 569 -7.23 -12.94 10.54
N GLU A 570 -8.27 -12.23 10.93
CA GLU A 570 -9.66 -12.73 10.97
C GLU A 570 -10.58 -11.52 11.06
N GLY A 571 -11.63 -11.45 10.25
CA GLY A 571 -12.64 -10.39 10.38
C GLY A 571 -13.82 -10.58 9.45
N LEU A 572 -14.59 -9.52 9.28
CA LEU A 572 -15.89 -9.50 8.57
C LEU A 572 -15.89 -8.34 7.58
N GLU A 573 -16.32 -8.61 6.35
CA GLU A 573 -16.59 -7.56 5.33
C GLU A 573 -18.09 -7.60 5.04
N GLY A 574 -18.74 -6.44 5.10
CA GLY A 574 -20.17 -6.30 4.83
C GLY A 574 -20.45 -5.16 3.88
N THR A 575 -21.51 -5.28 3.10
CA THR A 575 -21.98 -4.21 2.19
C THR A 575 -23.50 -4.24 2.21
N LEU A 576 -24.16 -3.09 2.18
CA LEU A 576 -25.64 -2.97 2.10
C LEU A 576 -26.00 -1.73 1.25
N THR A 577 -26.67 -1.94 0.11
CA THR A 577 -27.09 -0.84 -0.80
C THR A 577 -28.61 -0.88 -0.98
N LEU A 578 -29.29 0.19 -0.58
CA LEU A 578 -30.76 0.35 -0.67
C LEU A 578 -31.07 1.55 -1.55
N PRO A 579 -31.91 1.36 -2.59
CA PRO A 579 -32.56 2.46 -3.30
C PRO A 579 -33.74 3.07 -2.52
N LEU A 580 -33.49 4.16 -1.81
CA LEU A 580 -34.55 4.84 -1.01
C LEU A 580 -35.67 5.30 -1.95
N ALA A 581 -35.32 5.99 -3.04
CA ALA A 581 -36.21 6.38 -4.15
C ALA A 581 -35.41 6.23 -5.46
N ASP A 582 -36.00 6.57 -6.61
CA ASP A 582 -35.34 6.34 -7.92
C ASP A 582 -34.08 7.19 -7.99
N GLY A 583 -34.15 8.42 -7.49
CA GLY A 583 -33.02 9.37 -7.56
C GLY A 583 -32.04 9.24 -6.40
N LEU A 584 -32.32 8.38 -5.42
CA LEU A 584 -31.65 8.38 -4.10
C LEU A 584 -31.10 6.99 -3.80
N LYS A 585 -29.81 6.89 -3.48
CA LYS A 585 -29.12 5.61 -3.24
C LYS A 585 -28.33 5.69 -1.92
N TRP A 586 -28.59 4.74 -1.00
CA TRP A 586 -27.91 4.65 0.31
C TRP A 586 -26.98 3.42 0.29
N SER A 587 -25.68 3.66 0.35
CA SER A 587 -24.59 2.66 0.25
C SER A 587 -23.86 2.54 1.60
N ASN A 588 -23.40 1.35 1.93
CA ASN A 588 -22.60 1.14 3.15
C ASN A 588 -21.61 0.03 2.88
N ASN A 589 -20.35 0.24 3.30
CA ASN A 589 -19.29 -0.81 3.37
C ASN A 589 -18.84 -0.94 4.84
N LEU A 590 -18.73 -2.18 5.32
CA LEU A 590 -18.26 -2.50 6.71
C LEU A 590 -17.00 -3.37 6.66
N THR A 591 -15.95 -2.93 7.36
CA THR A 591 -14.84 -3.80 7.84
C THR A 591 -14.98 -3.97 9.36
N TYR A 592 -14.93 -5.20 9.87
CA TYR A 592 -14.76 -5.50 11.31
C TYR A 592 -13.58 -6.48 11.48
N MET A 593 -12.54 -6.02 12.18
CA MET A 593 -11.30 -6.81 12.45
C MET A 593 -11.44 -7.58 13.76
N LEU A 594 -11.68 -8.89 13.68
CA LEU A 594 -11.85 -9.81 14.83
C LEU A 594 -10.52 -9.99 15.56
N GLN A 595 -9.46 -10.30 14.81
CA GLN A 595 -8.15 -10.74 15.35
C GLN A 595 -7.02 -10.29 14.44
N SER A 596 -5.86 -9.97 15.00
CA SER A 596 -4.55 -9.77 14.34
C SER A 596 -3.44 -10.12 15.33
N LYS A 597 -2.89 -11.34 15.26
CA LYS A 597 -2.04 -11.90 16.34
C LYS A 597 -0.79 -12.59 15.76
N ASN A 598 0.39 -12.04 16.08
CA ASN A 598 1.68 -12.77 16.07
C ASN A 598 1.62 -13.83 17.17
N LYS A 599 1.47 -15.12 16.79
CA LYS A 599 1.14 -16.22 17.74
C LYS A 599 2.38 -16.58 18.57
N GLU A 600 3.55 -16.09 18.16
CA GLU A 600 4.83 -16.27 18.89
C GLU A 600 4.87 -15.30 20.08
N THR A 601 4.75 -13.98 19.86
CA THR A 601 4.84 -12.94 20.92
C THR A 601 3.44 -12.65 21.52
N GLY A 602 2.38 -12.90 20.76
CA GLY A 602 0.98 -12.63 21.14
C GLY A 602 0.62 -11.17 20.96
N ASP A 603 1.53 -10.36 20.45
CA ASP A 603 1.29 -8.92 20.12
C ASP A 603 0.53 -8.86 18.80
N VAL A 604 -0.04 -7.70 18.48
CA VAL A 604 -0.78 -7.46 17.20
C VAL A 604 0.24 -7.29 16.08
N LEU A 605 -0.15 -7.59 14.83
CA LEU A 605 0.69 -7.41 13.61
C LEU A 605 0.66 -5.94 13.21
N SER A 606 -0.51 -5.51 12.73
CA SER A 606 -0.88 -4.13 12.30
C SER A 606 -1.59 -3.47 13.47
N VAL A 607 -1.81 -2.15 13.43
CA VAL A 607 -2.87 -1.48 14.23
C VAL A 607 -3.95 -0.96 13.27
N THR A 608 -5.15 -1.51 13.31
CA THR A 608 -6.32 -1.05 12.52
C THR A 608 -7.43 -0.65 13.48
N PRO A 609 -8.41 0.15 13.02
CA PRO A 609 -9.62 0.40 13.79
C PRO A 609 -10.34 -0.94 13.96
N ARG A 610 -11.02 -1.14 15.06
CA ARG A 610 -11.74 -2.43 15.32
C ARG A 610 -12.78 -2.66 14.22
N TYR A 611 -13.46 -1.60 13.80
CA TYR A 611 -14.35 -1.56 12.61
C TYR A 611 -14.16 -0.26 11.86
N THR A 612 -14.74 -0.26 10.66
CA THR A 612 -14.86 0.88 9.74
C THR A 612 -16.17 0.73 8.97
N LEU A 613 -17.06 1.70 9.12
CA LEU A 613 -18.34 1.81 8.38
C LEU A 613 -18.28 3.08 7.52
N ASN A 614 -18.28 2.92 6.19
CA ASN A 614 -18.38 4.04 5.24
C ASN A 614 -19.81 4.06 4.71
N SER A 615 -20.46 5.21 4.79
CA SER A 615 -21.89 5.42 4.46
C SER A 615 -22.02 6.60 3.48
N MET A 616 -22.46 6.34 2.24
CA MET A 616 -22.79 7.42 1.28
C MET A 616 -24.31 7.45 1.02
N LEU A 617 -24.90 8.63 1.10
CA LEU A 617 -26.21 8.93 0.49
C LEU A 617 -25.98 9.69 -0.82
N ASP A 618 -26.42 9.14 -1.94
CA ASP A 618 -26.26 9.74 -3.29
C ASP A 618 -27.63 10.15 -3.83
N TRP A 619 -27.93 11.45 -3.85
CA TRP A 619 -29.17 12.05 -4.42
C TRP A 619 -28.86 12.65 -5.80
N GLN A 620 -29.45 12.10 -6.86
CA GLN A 620 -29.59 12.72 -8.20
C GLN A 620 -30.74 13.76 -8.17
N ALA A 621 -30.47 14.91 -7.54
CA ALA A 621 -31.44 16.00 -7.25
C ALA A 621 -32.06 16.57 -8.54
N THR A 622 -31.30 16.71 -9.65
CA THR A 622 -31.85 17.03 -11.00
C THR A 622 -31.28 16.08 -12.05
N ASP A 623 -31.64 16.30 -13.32
CA ASP A 623 -30.94 15.70 -14.49
C ASP A 623 -29.46 16.11 -14.44
N ASP A 624 -29.17 17.29 -13.88
CA ASP A 624 -27.85 17.97 -13.97
C ASP A 624 -27.13 18.03 -12.60
N LEU A 625 -27.87 18.10 -11.47
CA LEU A 625 -27.27 18.30 -10.12
C LEU A 625 -27.31 16.97 -9.36
N SER A 626 -26.18 16.54 -8.82
CA SER A 626 -26.04 15.35 -7.94
C SER A 626 -25.42 15.78 -6.61
N LEU A 627 -25.90 15.23 -5.51
CA LEU A 627 -25.51 15.63 -4.13
C LEU A 627 -25.11 14.39 -3.35
N GLN A 628 -24.07 14.49 -2.54
CA GLN A 628 -23.48 13.35 -1.81
C GLN A 628 -23.24 13.77 -0.35
N ALA A 629 -23.81 13.02 0.59
CA ALA A 629 -23.43 13.04 2.02
C ALA A 629 -22.71 11.73 2.35
N THR A 630 -21.59 11.79 3.07
CA THR A 630 -20.85 10.60 3.51
C THR A 630 -20.57 10.65 5.00
N VAL A 631 -20.62 9.51 5.67
CA VAL A 631 -20.09 9.34 7.05
C VAL A 631 -19.21 8.08 7.11
N THR A 632 -18.02 8.24 7.68
CA THR A 632 -17.10 7.13 8.03
C THR A 632 -16.93 7.06 9.55
N TRP A 633 -17.31 5.91 10.14
CA TRP A 633 -17.11 5.62 11.57
C TRP A 633 -15.90 4.70 11.72
N TYR A 634 -14.91 5.14 12.49
CA TYR A 634 -13.74 4.35 12.89
C TYR A 634 -13.96 3.87 14.33
N GLY A 635 -13.81 2.57 14.55
CA GLY A 635 -13.78 1.99 15.91
C GLY A 635 -12.50 2.29 16.69
N LYS A 636 -12.40 1.68 17.86
CA LYS A 636 -11.26 1.78 18.81
C LYS A 636 -9.97 1.37 18.10
N GLN A 637 -8.84 1.91 18.53
CA GLN A 637 -7.49 1.52 18.06
C GLN A 637 -6.60 1.30 19.29
N LYS A 638 -6.06 0.09 19.47
CA LYS A 638 -5.20 -0.34 20.61
C LYS A 638 -3.77 -0.55 20.12
N PRO A 639 -2.75 -0.02 20.84
CA PRO A 639 -1.36 -0.19 20.42
C PRO A 639 -0.84 -1.57 20.81
N LYS A 640 0.37 -1.95 20.32
CA LYS A 640 1.13 -3.14 20.77
C LYS A 640 1.25 -3.12 22.29
N LYS A 641 1.30 -4.32 22.93
CA LYS A 641 1.37 -4.53 24.40
C LYS A 641 2.84 -4.54 24.86
N TYR A 642 3.76 -4.97 23.98
CA TYR A 642 5.19 -5.19 24.33
C TYR A 642 6.07 -4.22 23.54
N ASP A 643 7.16 -3.78 24.18
CA ASP A 643 8.18 -2.89 23.57
C ASP A 643 9.19 -3.74 22.80
N TYR A 644 10.31 -3.14 22.41
CA TYR A 644 11.34 -3.76 21.55
C TYR A 644 12.05 -4.86 22.35
N HIS A 645 11.99 -4.75 23.70
CA HIS A 645 12.65 -5.69 24.66
C HIS A 645 11.80 -6.95 24.78
N GLY A 646 10.51 -6.82 24.47
CA GLY A 646 9.47 -7.84 24.70
C GLY A 646 8.79 -7.65 26.04
N ASP A 647 9.16 -6.58 26.77
CA ASP A 647 8.57 -6.21 28.08
C ASP A 647 7.30 -5.38 27.89
N ARG A 648 6.33 -5.52 28.80
CA ARG A 648 5.02 -4.82 28.78
C ARG A 648 5.25 -3.30 28.87
N VAL A 649 4.62 -2.52 27.99
CA VAL A 649 4.71 -1.03 27.98
C VAL A 649 3.78 -0.50 29.08
N THR A 650 4.04 0.73 29.54
CA THR A 650 3.40 1.34 30.73
C THR A 650 3.20 2.85 30.50
N GLY A 651 2.30 3.48 31.27
CA GLY A 651 1.89 4.89 31.05
C GLY A 651 1.33 5.09 29.65
N SER A 652 1.68 6.21 29.01
CA SER A 652 1.00 6.74 27.79
C SER A 652 1.27 5.85 26.57
N ALA A 653 2.12 4.82 26.70
CA ALA A 653 2.35 3.82 25.63
C ALA A 653 1.13 2.89 25.50
N ASN A 654 0.20 2.93 26.48
CA ASN A 654 -1.00 2.07 26.51
C ASN A 654 -2.21 2.80 25.91
N ASP A 655 -2.09 4.12 25.72
CA ASP A 655 -3.19 5.02 25.27
C ASP A 655 -3.87 4.39 24.07
N GLN A 656 -5.20 4.41 24.05
CA GLN A 656 -6.03 3.97 22.89
C GLN A 656 -6.69 5.20 22.27
N LEU A 657 -7.04 5.11 20.98
CA LEU A 657 -7.92 6.07 20.29
C LEU A 657 -9.37 5.59 20.42
N SER A 658 -10.21 6.47 20.94
CA SER A 658 -11.69 6.32 21.00
C SER A 658 -12.24 6.22 19.57
N PRO A 659 -13.34 5.48 19.37
CA PRO A 659 -14.14 5.59 18.15
C PRO A 659 -14.41 7.07 17.81
N TYR A 660 -14.45 7.39 16.54
CA TYR A 660 -14.85 8.73 16.03
C TYR A 660 -15.42 8.57 14.63
N ALA A 661 -16.13 9.60 14.19
CA ALA A 661 -16.72 9.69 12.84
C ALA A 661 -16.19 10.93 12.09
N ILE A 662 -16.18 10.82 10.77
CA ILE A 662 -15.92 11.93 9.80
C ILE A 662 -17.11 12.00 8.85
N ALA A 663 -17.81 13.13 8.84
CA ALA A 663 -18.94 13.43 7.91
C ALA A 663 -18.43 14.33 6.78
N GLY A 664 -19.04 14.22 5.60
CA GLY A 664 -18.79 15.12 4.45
C GLY A 664 -20.01 15.29 3.56
N LEU A 665 -20.22 16.51 3.07
CA LEU A 665 -21.15 16.84 1.97
C LEU A 665 -20.33 17.19 0.74
N GLY A 666 -20.85 16.89 -0.45
CA GLY A 666 -20.34 17.36 -1.74
C GLY A 666 -21.47 17.46 -2.76
N GLY A 667 -21.17 18.02 -3.93
CA GLY A 667 -22.04 17.96 -5.11
C GLY A 667 -21.21 18.05 -6.38
N THR A 668 -21.82 17.68 -7.51
CA THR A 668 -21.31 17.93 -8.88
C THR A 668 -22.43 18.53 -9.74
N TYR A 669 -22.26 19.79 -10.16
CA TYR A 669 -23.21 20.56 -10.99
C TYR A 669 -22.72 20.57 -12.44
N ARG A 670 -23.39 19.81 -13.29
CA ARG A 670 -23.09 19.68 -14.74
C ARG A 670 -23.55 20.94 -15.48
N LEU A 671 -22.62 21.74 -16.00
CA LEU A 671 -22.92 23.01 -16.72
C LEU A 671 -23.20 22.69 -18.20
N SER A 672 -22.57 21.65 -18.73
CA SER A 672 -22.72 21.20 -20.14
C SER A 672 -22.11 19.81 -20.32
N LYS A 673 -22.46 19.12 -21.41
CA LYS A 673 -21.87 17.80 -21.75
C LYS A 673 -20.34 17.94 -21.78
N ASN A 674 -19.83 19.16 -21.65
CA ASN A 674 -18.40 19.49 -21.86
C ASN A 674 -17.76 19.97 -20.54
N LEU A 675 -18.57 20.41 -19.57
CA LEU A 675 -18.08 21.07 -18.33
C LEU A 675 -18.90 20.63 -17.11
N SER A 676 -18.23 20.14 -16.08
CA SER A 676 -18.82 19.82 -14.75
C SER A 676 -18.03 20.51 -13.63
N LEU A 677 -18.71 21.05 -12.63
CA LEU A 677 -18.09 21.64 -11.41
C LEU A 677 -18.42 20.75 -10.22
N GLY A 678 -17.48 20.59 -9.30
CA GLY A 678 -17.67 19.95 -8.00
C GLY A 678 -17.31 20.88 -6.86
N ALA A 679 -17.88 20.65 -5.68
CA ALA A 679 -17.60 21.42 -4.45
C ALA A 679 -18.12 20.61 -3.27
N GLY A 680 -17.45 20.69 -2.12
CA GLY A 680 -17.90 20.02 -0.90
C GLY A 680 -17.09 20.40 0.32
N VAL A 681 -17.34 19.69 1.42
CA VAL A 681 -16.62 19.80 2.72
C VAL A 681 -16.34 18.40 3.25
N ASP A 682 -15.06 18.04 3.38
CA ASP A 682 -14.59 16.86 4.14
C ASP A 682 -14.57 17.22 5.62
N ASN A 683 -14.90 16.27 6.50
CA ASN A 683 -14.84 16.43 7.98
C ASN A 683 -15.62 17.69 8.38
N LEU A 684 -16.94 17.71 8.14
CA LEU A 684 -17.89 18.81 8.43
C LEU A 684 -17.75 19.30 9.89
N PHE A 685 -17.69 18.37 10.86
CA PHE A 685 -17.74 18.65 12.32
C PHE A 685 -16.33 18.81 12.89
N ASP A 686 -15.30 18.86 12.04
CA ASP A 686 -13.92 19.26 12.40
C ASP A 686 -13.37 18.35 13.50
N LYS A 687 -13.67 17.05 13.45
CA LYS A 687 -12.98 16.05 14.32
C LYS A 687 -11.51 15.97 13.91
N ARG A 688 -10.59 16.30 14.83
CA ARG A 688 -9.13 16.27 14.54
C ARG A 688 -8.39 15.32 15.49
N LEU A 689 -7.38 14.63 14.96
CA LEU A 689 -6.42 13.83 15.76
C LEU A 689 -5.01 14.25 15.37
N PHE A 690 -4.07 14.03 16.29
CA PHE A 690 -2.70 14.58 16.30
C PHE A 690 -1.72 13.47 16.65
N ARG A 691 -0.64 13.37 15.88
CA ARG A 691 0.45 12.39 16.14
C ARG A 691 1.17 12.87 17.42
N ALA A 692 1.19 12.06 18.46
CA ALA A 692 1.85 12.35 19.75
C ALA A 692 3.26 11.74 19.76
N GLY A 693 3.56 10.93 18.76
CA GLY A 693 4.84 10.23 18.58
C GLY A 693 4.61 8.76 18.23
N ASN A 694 5.64 7.96 18.46
CA ASN A 694 5.61 6.49 18.26
C ASN A 694 4.86 5.87 19.43
N ALA A 695 4.67 4.55 19.34
CA ALA A 695 3.75 3.77 20.19
C ALA A 695 4.31 3.55 21.60
N GLN A 696 5.62 3.35 21.72
CA GLN A 696 6.25 2.95 23.00
C GLN A 696 7.13 4.09 23.49
N GLY A 697 7.55 4.03 24.76
CA GLY A 697 8.49 5.00 25.33
C GLY A 697 9.90 4.65 24.94
N VAL A 698 10.75 5.65 24.68
CA VAL A 698 12.23 5.56 24.75
C VAL A 698 12.74 6.57 25.78
N VAL A 699 14.05 6.56 26.05
CA VAL A 699 14.67 7.55 27.00
C VAL A 699 14.28 8.96 26.53
N GLY A 700 13.66 9.75 27.42
CA GLY A 700 13.34 11.17 27.17
C GLY A 700 12.12 11.38 26.28
N ILE A 701 11.62 10.33 25.61
CA ILE A 701 10.42 10.42 24.71
C ILE A 701 9.41 9.35 25.15
N ASP A 702 8.44 9.74 25.98
CA ASP A 702 7.25 8.90 26.31
C ASP A 702 6.62 8.42 25.00
N GLY A 703 6.01 7.25 25.02
CA GLY A 703 5.20 6.70 23.92
C GLY A 703 3.88 7.45 23.77
N ALA A 704 3.20 7.23 22.64
CA ALA A 704 1.93 7.87 22.24
C ALA A 704 0.86 6.81 21.95
N GLY A 705 1.15 5.53 22.19
CA GLY A 705 0.24 4.39 21.96
C GLY A 705 -0.30 4.37 20.54
N ALA A 706 -1.63 4.46 20.39
CA ALA A 706 -2.31 4.43 19.09
C ALA A 706 -2.37 5.83 18.46
N ALA A 707 -1.93 6.86 19.18
CA ALA A 707 -2.00 8.26 18.72
C ALA A 707 -0.78 8.55 17.84
N THR A 708 -0.72 7.92 16.66
CA THR A 708 0.51 7.84 15.81
C THR A 708 0.36 8.60 14.49
N TYR A 709 -0.82 9.15 14.21
CA TYR A 709 -1.16 9.79 12.92
C TYR A 709 -1.98 11.06 13.16
N ASN A 710 -1.95 11.96 12.17
CA ASN A 710 -2.76 13.20 12.12
C ASN A 710 -4.03 12.94 11.30
N GLU A 711 -5.20 13.17 11.89
CA GLU A 711 -6.49 13.22 11.16
C GLU A 711 -6.77 14.68 10.85
N PRO A 712 -6.86 15.07 9.56
CA PRO A 712 -7.06 16.47 9.19
C PRO A 712 -8.49 16.94 9.52
N GLY A 713 -8.65 18.25 9.76
CA GLY A 713 -9.91 18.86 10.20
C GLY A 713 -10.81 19.22 9.02
N ARG A 714 -11.77 20.11 9.26
CA ARG A 714 -12.70 20.61 8.23
C ARG A 714 -11.88 21.13 7.05
N THR A 715 -12.30 20.78 5.83
CA THR A 715 -11.55 21.07 4.57
C THR A 715 -12.56 21.27 3.44
N PHE A 716 -12.69 22.49 2.92
CA PHE A 716 -13.50 22.78 1.71
C PHE A 716 -12.67 22.34 0.50
N TYR A 717 -13.33 21.96 -0.59
CA TYR A 717 -12.70 21.61 -1.87
C TYR A 717 -13.60 22.08 -3.01
N THR A 718 -12.99 22.33 -4.15
CA THR A 718 -13.68 22.66 -5.43
C THR A 718 -12.97 21.92 -6.57
N SER A 719 -13.68 21.59 -7.64
CA SER A 719 -13.14 20.83 -8.79
C SER A 719 -13.85 21.30 -10.06
N LEU A 720 -13.19 21.14 -11.20
CA LEU A 720 -13.71 21.47 -12.55
C LEU A 720 -13.15 20.46 -13.55
N THR A 721 -14.03 19.80 -14.31
CA THR A 721 -13.67 18.81 -15.38
C THR A 721 -14.29 19.27 -16.70
N ALA A 722 -13.46 19.60 -17.68
CA ALA A 722 -13.85 19.87 -19.09
C ALA A 722 -13.38 18.71 -19.96
N SER A 723 -14.28 18.13 -20.75
CA SER A 723 -13.97 16.98 -21.63
C SER A 723 -14.83 17.05 -22.91
N PHE A 724 -14.18 16.81 -24.06
CA PHE A 724 -14.78 16.27 -25.31
C PHE A 724 -14.53 14.77 -25.29
#